data_1N35
#
_entry.id   1N35
#
_cell.length_a   70.883
_cell.length_b   85.013
_cell.length_c   249.294
_cell.angle_alpha   90.00
_cell.angle_beta   90.00
_cell.angle_gamma   90.00
#
_symmetry.space_group_name_H-M   'P 21 21 21'
#
loop_
_entity.id
_entity.type
_entity.pdbx_description
1 polymer "5'-R(P*GP*GP*GP*GP*G)-3'"
2 polymer "5'-R(*AP*UP*UP*AP*GP*CP*CP*CP*CP*C)-3'"
3 polymer 'Minor core protein lambda 3'
4 non-polymer 'MANGANESE (II) ION'
5 non-polymer "3'-DEOXY-CYTIDINE-5'-TRIPHOSPHATE"
6 water water
#
loop_
_entity_poly.entity_id
_entity_poly.type
_entity_poly.pdbx_seq_one_letter_code
_entity_poly.pdbx_strand_id
1 'polyribonucleotide' GGGGG B
2 'polyribonucleotide' AUUAGCCCCC C
3 'polypeptide(L)'
;MSSMILTQFGPFIESISGITDQSNDVFEDAAKAFSMFTRSDVYKALDEIPFSDDAMLPIPPTIYTKPSHDSYYYIDALNR
VRRKTYQGPDDVYVPNCSIVELLEPHETLTSYGRLSEAIENRAKDGDSQARIATTYGRIAESQARQIKAPLEKFVLALLV
AEAGGSLYDPVLQKYDEIPDLSHNCPLWCFREICRHISGPLPDRAPYLYLSAGVFWLMSPRMTSAIPPLLSDLVNLAILQ
QTAGLDPSLVKLGVQICLHAAASSSYSWFILKTKSIFPQNTLHSMYESLEGGYCPNLEWLEPRSDYKFMYMGVMPLSAKY
ARSAPSNDKKARELGEKYGLSSVVGELRKRTKTYVKHDFASVRYIRDAMACTSGIFLVRTPTETVLQEYTQSPEIKVPIP
QKDWTGPIGEIRILKDTTSSIARYLYRTWYLAAARMAAQPRTWDPLFQAIMRSQYVTARGGSGAALRESLYAINVSLPDF
KGLPVKAATKIFQAAQLANLPFSHTSVAILADTSMGLRNQVQRRPRSIMPLNVPQQQVSAPHTLTADYINYHMNLSPTSG
SAVIEKVIPLGVYASSPPNQSINIDISACDASITWDFFLSVIMAAIHEGVASSSIGKPFMGVPASIVNDESVVGVRAARP
ISGMQNMIQHLSKLYKRGFSYRVNDSFSPGNDFTHMTTTFPSGSTATSTEHTANNSTMMETFLTVWGPEHTDDPDVLRLM
KSLTIQRNYVCQGDDGLMIIDGTTAGKVNSETIQNDLELISKYGEEFGWKYDIAYDGTAEYLKLYFIFGCRIPNLSRHPI
VGKERANSSAEEPWPAILDQIMGVFFNGVHDGLQWQRWIRYSWALCCAFSRQRTMIGESVGYLQYPMWSFVYWGLPLVKA
FGSDPWIFSWYMPTGDLGMYSWISLIRPLMTRWMVANGYVTDRCSTVFGNADYRRCFNELKLYQGYYMAQLPRNPKKSGR
AASREVREQFTQALSDYLMQNPELKSRVLRGRSEWEKYGAGIIHNPPSLFDVPHKWYQGAQEAAIATREELAEMDETLMR
ARRHSYSSFSKLLEAYLLVKWRMCEAREPSVDLRLPLCAGIDPLNSDPFLKMVSVGPMLQSTRKYFAQTLFMAKTVSGLD
VNAIDSALLRLRTLGADKKALTAQLLMVGLQESEADALAGKIMLQDVNTVQLARVVNLAVPDTWMSLDFDSMFKHHVKLL
PKDGRHLNTDIPPRMGWLRAILRFLGAGMVMTATGVAVDIYLEDIHGGGRSLGQRFMTWMRQEGRSA
;
A
#
# COMPACT_ATOMS: atom_id res chain seq x y z
N SER C 2 13.15 -8.90 35.09
CA SER C 2 12.68 -9.82 34.02
C SER C 2 12.12 -11.14 34.62
N SER C 3 12.11 -11.23 35.95
CA SER C 3 11.59 -12.40 36.63
C SER C 3 10.07 -12.32 36.57
N MET C 4 9.56 -11.09 36.57
CA MET C 4 8.12 -10.86 36.49
C MET C 4 7.70 -11.47 35.15
N ILE C 5 8.36 -11.05 34.08
CA ILE C 5 8.05 -11.54 32.73
C ILE C 5 8.30 -13.06 32.63
N LEU C 6 9.46 -13.50 33.10
CA LEU C 6 9.83 -14.91 33.07
C LEU C 6 8.77 -15.79 33.73
N THR C 7 8.35 -15.44 34.94
CA THR C 7 7.35 -16.23 35.65
C THR C 7 6.05 -16.33 34.87
N GLN C 8 5.53 -15.17 34.47
CA GLN C 8 4.28 -15.10 33.73
C GLN C 8 4.23 -15.74 32.33
N PHE C 9 5.32 -15.64 31.57
CA PHE C 9 5.32 -16.18 30.22
C PHE C 9 6.39 -17.25 29.95
N GLY C 10 7.02 -17.72 31.03
CA GLY C 10 8.07 -18.71 30.93
C GLY C 10 7.94 -19.73 29.80
N PRO C 11 7.04 -20.70 29.95
CA PRO C 11 6.81 -21.76 28.95
C PRO C 11 6.55 -21.24 27.54
N PHE C 12 5.85 -20.11 27.42
CA PHE C 12 5.55 -19.55 26.11
C PHE C 12 6.82 -19.01 25.48
N ILE C 13 7.62 -18.34 26.29
CA ILE C 13 8.88 -17.78 25.84
C ILE C 13 9.71 -18.89 25.20
N GLU C 14 9.82 -20.03 25.88
CA GLU C 14 10.60 -21.14 25.34
C GLU C 14 9.97 -21.72 24.09
N SER C 15 8.66 -21.62 23.99
CA SER C 15 7.96 -22.16 22.84
C SER C 15 8.27 -21.38 21.56
N ILE C 16 8.58 -20.10 21.71
CA ILE C 16 8.87 -19.26 20.54
C ILE C 16 10.35 -18.94 20.39
N SER C 17 11.20 -19.67 21.12
CA SER C 17 12.65 -19.46 21.01
C SER C 17 13.31 -20.69 20.41
N GLY C 18 12.51 -21.71 20.09
CA GLY C 18 13.04 -22.92 19.49
C GLY C 18 13.50 -23.93 20.51
N ILE C 19 13.31 -23.63 21.80
CA ILE C 19 13.72 -24.52 22.87
C ILE C 19 12.64 -25.57 23.14
N THR C 20 11.39 -25.16 23.15
CA THR C 20 10.30 -26.09 23.40
C THR C 20 9.25 -26.02 22.29
N ASP C 21 8.38 -27.02 22.20
CA ASP C 21 7.34 -27.03 21.18
C ASP C 21 6.25 -25.99 21.43
N GLN C 22 5.61 -25.52 20.37
CA GLN C 22 4.52 -24.57 20.54
C GLN C 22 3.26 -25.41 20.79
N SER C 23 2.38 -24.91 21.65
CA SER C 23 1.14 -25.61 21.92
C SER C 23 0.08 -24.55 22.17
N ASN C 24 -1.13 -24.80 21.69
CA ASN C 24 -2.20 -23.84 21.85
C ASN C 24 -2.49 -23.57 23.32
N ASP C 25 -2.33 -24.59 24.16
CA ASP C 25 -2.57 -24.43 25.58
C ASP C 25 -1.66 -23.37 26.17
N VAL C 26 -0.37 -23.43 25.85
CA VAL C 26 0.54 -22.44 26.38
C VAL C 26 0.25 -21.09 25.75
N PHE C 27 0.00 -21.10 24.45
CA PHE C 27 -0.29 -19.87 23.70
C PHE C 27 -1.47 -19.11 24.29
N GLU C 28 -2.58 -19.80 24.49
CA GLU C 28 -3.77 -19.15 25.01
C GLU C 28 -3.55 -18.65 26.43
N ASP C 29 -2.74 -19.35 27.21
CA ASP C 29 -2.46 -18.91 28.56
C ASP C 29 -1.60 -17.65 28.46
N ALA C 30 -0.66 -17.66 27.54
CA ALA C 30 0.19 -16.49 27.33
C ALA C 30 -0.72 -15.31 26.96
N ALA C 31 -1.71 -15.59 26.12
CA ALA C 31 -2.66 -14.58 25.70
C ALA C 31 -3.41 -14.01 26.91
N LYS C 32 -3.94 -14.90 27.74
CA LYS C 32 -4.65 -14.49 28.93
C LYS C 32 -3.72 -13.67 29.84
N ALA C 33 -2.46 -14.09 29.93
CA ALA C 33 -1.49 -13.37 30.76
C ALA C 33 -1.26 -11.97 30.22
N PHE C 34 -1.23 -11.84 28.90
CA PHE C 34 -1.02 -10.54 28.26
C PHE C 34 -2.17 -9.60 28.60
N SER C 35 -3.39 -10.12 28.54
CA SER C 35 -4.55 -9.31 28.82
C SER C 35 -4.75 -8.98 30.29
N MET C 36 -4.14 -9.76 31.18
CA MET C 36 -4.27 -9.52 32.60
C MET C 36 -3.16 -8.62 33.13
N PHE C 37 -2.18 -8.36 32.30
CA PHE C 37 -1.06 -7.48 32.65
C PHE C 37 -1.59 -6.04 32.61
N THR C 38 -1.36 -5.27 33.66
CA THR C 38 -1.82 -3.89 33.68
C THR C 38 -0.70 -3.02 33.12
N ARG C 39 -1.08 -1.91 32.48
CA ARG C 39 -0.09 -1.00 31.89
C ARG C 39 1.06 -0.73 32.83
N SER C 40 0.75 -0.26 34.04
CA SER C 40 1.79 0.06 35.01
C SER C 40 2.68 -1.12 35.27
N ASP C 41 2.18 -2.32 35.06
CA ASP C 41 3.01 -3.50 35.28
C ASP C 41 4.11 -3.56 34.23
N VAL C 42 3.81 -3.15 33.00
CA VAL C 42 4.81 -3.17 31.96
C VAL C 42 5.99 -2.29 32.34
N TYR C 43 5.70 -1.16 32.98
CA TYR C 43 6.73 -0.23 33.43
C TYR C 43 7.49 -0.85 34.60
N LYS C 44 6.77 -1.55 35.48
CA LYS C 44 7.39 -2.22 36.62
C LYS C 44 8.35 -3.25 36.05
N ALA C 45 7.95 -3.88 34.95
CA ALA C 45 8.80 -4.89 34.32
C ALA C 45 10.02 -4.18 33.74
N LEU C 46 9.79 -3.02 33.14
CA LEU C 46 10.89 -2.26 32.58
C LEU C 46 11.91 -1.88 33.65
N ASP C 47 11.43 -1.59 34.86
CA ASP C 47 12.31 -1.24 35.97
C ASP C 47 13.26 -2.39 36.29
N GLU C 48 12.79 -3.63 36.13
CA GLU C 48 13.61 -4.81 36.43
C GLU C 48 14.82 -4.99 35.51
N ILE C 49 14.95 -4.17 34.48
CA ILE C 49 16.08 -4.30 33.57
C ILE C 49 17.35 -3.54 33.98
N PRO C 50 18.46 -4.28 34.13
CA PRO C 50 19.78 -3.78 34.51
C PRO C 50 20.48 -3.10 33.33
N PHE C 51 19.96 -1.96 32.92
CA PHE C 51 20.53 -1.23 31.79
C PHE C 51 22.02 -0.92 31.88
N SER C 52 22.70 -1.07 30.76
CA SER C 52 24.13 -0.81 30.67
C SER C 52 24.33 0.68 30.42
N ASP C 53 25.49 1.22 30.81
CA ASP C 53 25.74 2.64 30.60
C ASP C 53 25.70 3.06 29.14
N ASP C 54 26.04 2.15 28.23
CA ASP C 54 26.05 2.46 26.81
C ASP C 54 24.65 2.73 26.29
N ALA C 55 23.64 2.29 27.05
CA ALA C 55 22.24 2.47 26.66
C ALA C 55 21.68 3.79 27.16
N MET C 56 22.52 4.62 27.75
CA MET C 56 22.07 5.90 28.28
C MET C 56 22.68 7.07 27.56
N LEU C 57 21.95 8.18 27.60
CA LEU C 57 22.40 9.42 26.99
C LEU C 57 21.65 10.58 27.64
N PRO C 58 22.30 11.74 27.77
CA PRO C 58 21.70 12.93 28.39
C PRO C 58 20.32 13.28 27.87
N ILE C 59 19.34 13.30 28.75
CA ILE C 59 17.99 13.67 28.35
C ILE C 59 17.74 15.14 28.69
N PRO C 60 17.42 15.95 27.67
CA PRO C 60 17.14 17.39 27.75
C PRO C 60 16.06 17.74 28.76
N PRO C 61 16.41 18.58 29.76
CA PRO C 61 15.41 18.95 30.76
C PRO C 61 14.24 19.72 30.15
N THR C 62 14.50 20.50 29.11
CA THR C 62 13.45 21.29 28.46
C THR C 62 12.37 20.47 27.78
N ILE C 63 12.52 19.15 27.78
CA ILE C 63 11.53 18.28 27.19
C ILE C 63 10.31 18.24 28.08
N TYR C 64 10.50 18.60 29.35
CA TYR C 64 9.41 18.54 30.33
C TYR C 64 8.75 19.88 30.66
N THR C 65 9.54 20.94 30.63
CA THR C 65 9.02 22.27 30.94
C THR C 65 8.69 23.02 29.67
N LYS C 66 7.41 23.07 29.32
CA LYS C 66 6.97 23.77 28.12
C LYS C 66 6.01 24.90 28.40
N PRO C 67 6.02 25.94 27.54
CA PRO C 67 5.16 27.11 27.69
C PRO C 67 3.69 26.74 27.52
N SER C 68 2.82 27.75 27.64
CA SER C 68 1.41 27.56 27.45
C SER C 68 1.20 27.54 25.94
N HIS C 69 0.15 26.88 25.50
CA HIS C 69 -0.14 26.79 24.07
C HIS C 69 -0.66 28.12 23.51
N ASP C 70 -1.28 28.92 24.39
CA ASP C 70 -1.89 30.17 23.98
C ASP C 70 -1.11 31.16 23.09
N SER C 71 0.20 31.25 23.23
CA SER C 71 0.97 32.18 22.39
C SER C 71 1.27 31.62 21.01
N TYR C 72 0.94 30.34 20.82
CA TYR C 72 1.18 29.64 19.56
C TYR C 72 -0.01 29.69 18.60
N TYR C 73 -1.05 30.40 19.00
CA TYR C 73 -2.25 30.53 18.20
C TYR C 73 -2.78 31.96 18.17
N TYR C 74 -3.75 32.18 17.29
CA TYR C 74 -4.37 33.48 17.14
C TYR C 74 -5.59 33.34 16.25
N ILE C 75 -6.45 34.35 16.25
CA ILE C 75 -7.65 34.34 15.42
C ILE C 75 -7.35 35.22 14.20
N ASP C 76 -7.56 34.70 13.00
CA ASP C 76 -7.29 35.51 11.79
C ASP C 76 -8.47 36.39 11.37
N ALA C 77 -8.28 37.10 10.27
CA ALA C 77 -9.30 38.01 9.75
C ALA C 77 -10.64 37.36 9.43
N LEU C 78 -10.63 36.09 9.07
CA LEU C 78 -11.86 35.38 8.74
C LEU C 78 -12.40 34.63 9.96
N ASN C 79 -11.86 34.94 11.13
CA ASN C 79 -12.28 34.33 12.38
C ASN C 79 -11.92 32.85 12.58
N ARG C 80 -11.01 32.34 11.75
CA ARG C 80 -10.59 30.96 11.88
C ARG C 80 -9.51 30.87 12.97
N VAL C 81 -9.48 29.78 13.73
CA VAL C 81 -8.42 29.64 14.71
C VAL C 81 -7.19 29.23 13.90
N ARG C 82 -6.09 29.95 14.10
CA ARG C 82 -4.89 29.67 13.35
C ARG C 82 -3.67 29.49 14.22
N ARG C 83 -2.70 28.81 13.64
CA ARG C 83 -1.45 28.57 14.30
C ARG C 83 -0.57 29.78 14.01
N LYS C 84 0.01 30.34 15.06
CA LYS C 84 0.87 31.51 14.92
C LYS C 84 2.32 31.08 14.71
N THR C 85 2.85 31.48 13.56
CA THR C 85 4.21 31.14 13.14
C THR C 85 5.35 31.82 13.91
N TYR C 86 6.45 31.07 14.10
CA TYR C 86 7.63 31.59 14.81
C TYR C 86 8.94 31.16 14.14
N GLN C 87 8.99 29.91 13.67
CA GLN C 87 10.19 29.40 13.04
C GLN C 87 10.09 29.34 11.53
N GLY C 88 9.06 29.96 10.96
CA GLY C 88 8.91 29.93 9.51
C GLY C 88 7.49 29.58 9.09
N PRO C 89 7.16 29.72 7.80
CA PRO C 89 5.81 29.42 7.28
C PRO C 89 5.40 27.98 7.51
N ASP C 90 6.38 27.14 7.82
CA ASP C 90 6.13 25.72 8.08
C ASP C 90 5.63 25.45 9.50
N ASP C 91 6.05 26.30 10.44
CA ASP C 91 5.71 26.17 11.86
C ASP C 91 4.22 26.30 12.11
N VAL C 92 3.48 25.31 11.60
CA VAL C 92 2.04 25.28 11.66
C VAL C 92 1.46 24.04 12.35
N TYR C 93 2.34 23.12 12.72
CA TYR C 93 1.95 21.88 13.40
C TYR C 93 1.60 22.05 14.88
N VAL C 94 1.54 20.93 15.59
CA VAL C 94 1.24 20.96 17.01
C VAL C 94 2.49 21.44 17.73
N PRO C 95 2.36 22.50 18.53
CA PRO C 95 3.51 23.03 19.27
C PRO C 95 3.77 22.23 20.54
N ASN C 96 5.01 22.24 21.03
CA ASN C 96 5.40 21.51 22.25
C ASN C 96 5.07 22.38 23.46
N CYS C 97 3.96 22.07 24.11
CA CYS C 97 3.53 22.87 25.24
C CYS C 97 2.98 22.04 26.37
N SER C 98 2.68 22.72 27.47
CA SER C 98 2.10 22.08 28.64
C SER C 98 0.70 21.70 28.19
N ILE C 99 -0.02 20.93 28.99
CA ILE C 99 -1.36 20.56 28.60
C ILE C 99 -2.23 20.18 29.78
N VAL C 100 -1.60 19.85 30.91
CA VAL C 100 -2.39 19.47 32.08
C VAL C 100 -3.37 20.58 32.49
N GLU C 101 -2.94 21.83 32.41
CA GLU C 101 -3.81 22.94 32.82
C GLU C 101 -5.17 22.97 32.08
N LEU C 102 -5.31 22.22 31.00
CA LEU C 102 -6.56 22.24 30.24
C LEU C 102 -7.38 20.98 30.44
N LEU C 103 -7.02 20.16 31.42
CA LEU C 103 -7.74 18.91 31.63
C LEU C 103 -8.59 18.78 32.90
N GLU C 104 -9.62 17.93 32.82
CA GLU C 104 -10.50 17.66 33.94
C GLU C 104 -10.20 16.22 34.30
N PRO C 105 -9.97 15.94 35.59
CA PRO C 105 -9.68 14.55 35.97
C PRO C 105 -10.79 13.64 35.46
N HIS C 106 -10.43 12.41 35.12
CA HIS C 106 -11.40 11.45 34.63
C HIS C 106 -12.06 10.75 35.82
N GLU C 107 -13.37 10.55 35.75
CA GLU C 107 -14.08 9.87 36.82
C GLU C 107 -13.71 8.39 36.80
N THR C 108 -12.82 7.99 37.71
CA THR C 108 -12.32 6.61 37.86
C THR C 108 -10.79 6.60 37.76
N LEU C 109 -10.27 7.14 36.66
CA LEU C 109 -8.83 7.22 36.44
C LEU C 109 -8.39 8.61 36.89
N THR C 110 -8.68 8.94 38.13
CA THR C 110 -8.38 10.23 38.73
C THR C 110 -7.04 10.86 38.36
N SER C 111 -6.05 10.03 38.02
CA SER C 111 -4.74 10.55 37.65
C SER C 111 -4.65 10.97 36.17
N TYR C 112 -5.65 10.59 35.38
CA TYR C 112 -5.68 10.92 33.96
C TYR C 112 -6.79 11.91 33.65
N GLY C 113 -6.61 12.71 32.61
CA GLY C 113 -7.62 13.69 32.25
C GLY C 113 -7.81 14.00 30.78
N ARG C 114 -9.00 14.50 30.47
CA ARG C 114 -9.41 14.88 29.13
C ARG C 114 -9.60 16.40 29.11
N LEU C 115 -9.77 16.96 27.92
CA LEU C 115 -9.97 18.39 27.78
C LEU C 115 -11.22 18.82 28.55
N SER C 116 -11.07 19.84 29.38
CA SER C 116 -12.18 20.36 30.19
C SER C 116 -13.43 20.58 29.36
N GLU C 117 -14.54 19.98 29.80
CA GLU C 117 -15.80 20.13 29.07
C GLU C 117 -16.19 21.61 29.10
N ALA C 118 -15.80 22.29 30.17
CA ALA C 118 -16.09 23.71 30.31
C ALA C 118 -15.44 24.49 29.17
N ILE C 119 -14.18 24.19 28.89
CA ILE C 119 -13.45 24.87 27.84
C ILE C 119 -14.10 24.68 26.47
N GLU C 120 -14.55 23.46 26.17
CA GLU C 120 -15.19 23.18 24.88
C GLU C 120 -16.52 23.92 24.76
N ASN C 121 -17.25 24.01 25.86
CA ASN C 121 -18.54 24.68 25.89
C ASN C 121 -18.38 26.16 25.63
N ARG C 122 -17.31 26.75 26.15
CA ARG C 122 -17.03 28.15 25.93
C ARG C 122 -16.62 28.29 24.46
N ALA C 123 -15.78 27.37 24.01
CA ALA C 123 -15.32 27.38 22.63
C ALA C 123 -16.51 27.30 21.69
N LYS C 124 -17.49 26.47 22.05
CA LYS C 124 -18.67 26.31 21.23
C LYS C 124 -19.54 27.55 21.30
N ASP C 125 -19.47 28.27 22.43
CA ASP C 125 -20.24 29.50 22.56
C ASP C 125 -19.58 30.53 21.65
N GLY C 126 -18.28 30.38 21.44
CA GLY C 126 -17.56 31.30 20.56
C GLY C 126 -16.42 32.07 21.19
N ASP C 127 -16.04 31.72 22.41
CA ASP C 127 -14.94 32.43 23.07
C ASP C 127 -13.61 32.17 22.37
N SER C 128 -12.92 33.23 21.96
CA SER C 128 -11.63 33.08 21.29
C SER C 128 -10.62 32.25 22.08
N GLN C 129 -10.40 32.61 23.35
CA GLN C 129 -9.44 31.86 24.18
C GLN C 129 -9.82 30.38 24.32
N ALA C 130 -11.12 30.13 24.41
CA ALA C 130 -11.65 28.77 24.55
C ALA C 130 -11.45 27.97 23.27
N ARG C 131 -11.63 28.62 22.12
CA ARG C 131 -11.47 27.96 20.84
C ARG C 131 -10.00 27.60 20.70
N ILE C 132 -9.12 28.57 20.95
CA ILE C 132 -7.68 28.33 20.83
C ILE C 132 -7.29 27.10 21.61
N ALA C 133 -7.76 27.02 22.86
CA ALA C 133 -7.47 25.91 23.76
C ALA C 133 -8.08 24.58 23.28
N THR C 134 -9.30 24.63 22.74
CA THR C 134 -9.92 23.42 22.26
C THR C 134 -9.14 22.90 21.05
N THR C 135 -8.81 23.80 20.13
CA THR C 135 -8.06 23.43 18.94
C THR C 135 -6.77 22.73 19.35
N TYR C 136 -5.98 23.39 20.20
CA TYR C 136 -4.73 22.81 20.68
C TYR C 136 -4.98 21.44 21.29
N GLY C 137 -5.96 21.35 22.19
CA GLY C 137 -6.27 20.09 22.83
C GLY C 137 -6.67 18.96 21.88
N ARG C 138 -7.49 19.27 20.90
CA ARG C 138 -7.97 18.27 19.94
C ARG C 138 -6.90 17.83 18.96
N ILE C 139 -5.97 18.73 18.64
CA ILE C 139 -4.94 18.39 17.70
C ILE C 139 -3.79 17.67 18.40
N ALA C 140 -3.58 18.00 19.66
CA ALA C 140 -2.53 17.32 20.42
C ALA C 140 -3.03 15.91 20.65
N GLU C 141 -4.33 15.77 20.84
CA GLU C 141 -4.92 14.46 21.05
C GLU C 141 -4.77 13.65 19.77
N SER C 142 -5.08 14.30 18.66
CA SER C 142 -4.98 13.68 17.36
C SER C 142 -3.55 13.19 17.14
N GLN C 143 -2.58 14.01 17.50
CA GLN C 143 -1.18 13.61 17.31
C GLN C 143 -0.88 12.31 18.03
N ALA C 144 -1.47 12.15 19.21
CA ALA C 144 -1.25 10.96 20.03
C ALA C 144 -2.05 9.72 19.58
N ARG C 145 -2.96 9.89 18.62
CA ARG C 145 -3.74 8.77 18.12
C ARG C 145 -3.14 8.09 16.90
N GLN C 146 -2.08 8.65 16.31
CA GLN C 146 -1.47 8.05 15.12
C GLN C 146 -0.70 6.72 15.37
N ILE C 147 -1.30 5.86 16.20
CA ILE C 147 -0.73 4.57 16.51
C ILE C 147 -1.82 3.52 16.41
N LYS C 148 -1.40 2.26 16.27
CA LYS C 148 -2.30 1.13 16.11
C LYS C 148 -2.99 0.70 17.40
N ALA C 149 -2.27 0.82 18.51
CA ALA C 149 -2.79 0.41 19.82
C ALA C 149 -1.85 0.98 20.86
N PRO C 150 -2.18 0.79 22.15
CA PRO C 150 -1.32 1.31 23.22
C PRO C 150 0.10 0.86 23.04
N LEU C 151 1.05 1.77 23.27
CA LEU C 151 2.45 1.43 23.15
C LEU C 151 2.81 0.26 24.06
N GLU C 152 2.25 0.24 25.28
CA GLU C 152 2.56 -0.81 26.26
C GLU C 152 2.41 -2.24 25.74
N LYS C 153 1.50 -2.45 24.81
CA LYS C 153 1.32 -3.79 24.26
C LYS C 153 2.55 -4.20 23.45
N PHE C 154 3.05 -3.28 22.62
CA PHE C 154 4.23 -3.55 21.78
C PHE C 154 5.46 -3.77 22.65
N VAL C 155 5.54 -3.01 23.74
CA VAL C 155 6.66 -3.10 24.67
C VAL C 155 6.62 -4.45 25.38
N LEU C 156 5.45 -4.81 25.89
CA LEU C 156 5.29 -6.07 26.61
C LEU C 156 5.70 -7.18 25.68
N ALA C 157 5.18 -7.12 24.45
CA ALA C 157 5.51 -8.12 23.45
C ALA C 157 7.03 -8.22 23.34
N LEU C 158 7.69 -7.07 23.23
CA LEU C 158 9.14 -7.07 23.10
C LEU C 158 9.82 -7.73 24.31
N LEU C 159 9.34 -7.43 25.52
CA LEU C 159 9.90 -8.03 26.73
C LEU C 159 9.78 -9.55 26.72
N VAL C 160 8.58 -10.03 26.41
CA VAL C 160 8.31 -11.45 26.36
C VAL C 160 9.21 -12.15 25.33
N ALA C 161 9.31 -11.56 24.15
CA ALA C 161 10.10 -12.13 23.07
C ALA C 161 11.58 -12.17 23.40
N GLU C 162 12.10 -11.06 23.90
CA GLU C 162 13.52 -10.94 24.23
C GLU C 162 13.91 -11.72 25.47
N ALA C 163 12.94 -12.16 26.25
CA ALA C 163 13.23 -12.93 27.45
C ALA C 163 13.84 -14.28 27.05
N GLY C 164 13.68 -14.65 25.77
CA GLY C 164 14.21 -15.91 25.28
C GLY C 164 15.71 -15.95 25.00
N GLY C 165 16.37 -14.81 25.02
CA GLY C 165 17.79 -14.77 24.77
C GLY C 165 18.15 -14.86 23.29
N SER C 166 19.44 -15.05 23.02
CA SER C 166 19.93 -15.15 21.65
C SER C 166 19.32 -16.37 20.97
N LEU C 167 19.12 -16.28 19.68
CA LEU C 167 18.56 -17.40 18.94
C LEU C 167 19.60 -18.14 18.14
N TYR C 168 19.50 -19.46 18.15
CA TYR C 168 20.41 -20.33 17.41
C TYR C 168 19.97 -20.45 15.97
N ASP C 169 20.82 -20.02 15.05
CA ASP C 169 20.54 -20.09 13.63
C ASP C 169 20.70 -21.54 13.15
N PRO C 170 19.65 -22.15 12.60
CA PRO C 170 19.73 -23.54 12.13
C PRO C 170 20.73 -23.72 10.98
N VAL C 171 20.85 -22.71 10.14
CA VAL C 171 21.76 -22.79 9.01
C VAL C 171 23.21 -22.49 9.38
N LEU C 172 23.43 -21.34 10.02
CA LEU C 172 24.78 -20.93 10.42
C LEU C 172 25.35 -21.75 11.58
N GLN C 173 24.47 -22.39 12.33
CA GLN C 173 24.87 -23.21 13.47
C GLN C 173 25.61 -22.45 14.58
N LYS C 174 25.10 -21.27 14.90
CA LYS C 174 25.64 -20.45 15.98
C LYS C 174 24.56 -19.46 16.44
N TYR C 175 24.71 -18.96 17.65
CA TYR C 175 23.75 -18.01 18.20
C TYR C 175 24.05 -16.64 17.63
N ASP C 176 23.02 -15.82 17.40
CA ASP C 176 23.25 -14.48 16.88
C ASP C 176 23.89 -13.65 17.97
N GLU C 177 24.49 -12.54 17.58
CA GLU C 177 25.15 -11.68 18.56
C GLU C 177 24.50 -10.32 18.70
N ILE C 178 23.18 -10.31 18.76
CA ILE C 178 22.41 -9.10 18.93
C ILE C 178 22.40 -8.76 20.42
N PRO C 179 22.88 -7.57 20.78
CA PRO C 179 22.92 -7.13 22.17
C PRO C 179 21.58 -7.23 22.86
N ASP C 180 21.56 -7.71 24.10
CA ASP C 180 20.31 -7.82 24.81
C ASP C 180 19.76 -6.45 25.24
N LEU C 181 18.54 -6.45 25.75
CA LEU C 181 17.87 -5.22 26.13
C LEU C 181 18.59 -4.27 27.07
N SER C 182 19.55 -4.78 27.83
CA SER C 182 20.27 -3.94 28.75
C SER C 182 21.12 -2.95 27.96
N HIS C 183 21.13 -3.11 26.65
CA HIS C 183 21.91 -2.22 25.77
C HIS C 183 21.02 -1.42 24.82
N ASN C 184 19.70 -1.59 24.97
CA ASN C 184 18.74 -0.90 24.12
C ASN C 184 18.48 0.52 24.63
N CYS C 185 19.10 1.49 23.97
CA CYS C 185 18.96 2.89 24.35
C CYS C 185 17.53 3.42 24.22
N PRO C 186 16.83 3.05 23.13
CA PRO C 186 15.45 3.56 23.03
C PRO C 186 14.61 3.16 24.25
N LEU C 187 14.66 1.89 24.65
CA LEU C 187 13.88 1.42 25.81
C LEU C 187 14.24 2.17 27.09
N TRP C 188 15.53 2.34 27.32
CA TRP C 188 16.01 3.04 28.49
C TRP C 188 15.36 4.43 28.55
N CYS C 189 15.44 5.16 27.45
CA CYS C 189 14.85 6.49 27.35
C CYS C 189 13.36 6.43 27.63
N PHE C 190 12.69 5.47 27.03
CA PHE C 190 11.26 5.31 27.22
C PHE C 190 10.95 5.15 28.72
N ARG C 191 11.69 4.28 29.41
CA ARG C 191 11.46 4.09 30.84
C ARG C 191 11.75 5.36 31.65
N GLU C 192 12.89 5.99 31.38
CA GLU C 192 13.28 7.21 32.09
C GLU C 192 12.33 8.38 31.87
N ILE C 193 12.02 8.68 30.62
CA ILE C 193 11.14 9.78 30.29
C ILE C 193 9.79 9.61 30.96
N CYS C 194 9.22 8.41 30.87
CA CYS C 194 7.94 8.12 31.49
C CYS C 194 8.05 8.13 33.01
N ARG C 195 9.11 7.55 33.55
CA ARG C 195 9.25 7.53 34.99
C ARG C 195 9.32 8.97 35.52
N HIS C 196 10.08 9.81 34.82
CA HIS C 196 10.26 11.20 35.20
C HIS C 196 8.94 11.94 35.12
N ILE C 197 8.09 11.56 34.19
CA ILE C 197 6.81 12.23 34.06
C ILE C 197 5.88 11.79 35.18
N SER C 198 5.73 10.48 35.36
CA SER C 198 4.85 9.98 36.40
C SER C 198 5.29 10.38 37.81
N GLY C 199 6.62 10.52 37.99
CA GLY C 199 7.17 10.88 39.28
C GLY C 199 6.66 10.00 40.40
N PRO C 200 6.02 10.60 41.41
CA PRO C 200 5.49 9.82 42.53
C PRO C 200 4.16 9.12 42.22
N LEU C 201 3.55 9.42 41.08
CA LEU C 201 2.28 8.80 40.74
C LEU C 201 2.37 7.28 40.53
N PRO C 202 1.38 6.54 41.06
CA PRO C 202 1.27 5.08 40.99
C PRO C 202 1.10 4.60 39.55
N ASP C 203 0.53 5.48 38.73
CA ASP C 203 0.29 5.20 37.32
C ASP C 203 1.56 5.55 36.55
N ARG C 204 2.12 4.55 35.86
CA ARG C 204 3.36 4.73 35.12
C ARG C 204 3.21 5.18 33.66
N ALA C 205 2.00 5.10 33.11
CA ALA C 205 1.77 5.50 31.72
C ALA C 205 1.54 7.00 31.60
N PRO C 206 2.29 7.67 30.71
CA PRO C 206 2.21 9.11 30.46
C PRO C 206 0.88 9.54 29.84
N TYR C 207 0.22 8.59 29.18
CA TYR C 207 -1.07 8.84 28.55
C TYR C 207 -1.65 7.48 28.21
N LEU C 208 -2.96 7.44 27.97
CA LEU C 208 -3.64 6.21 27.66
C LEU C 208 -4.36 6.33 26.33
N TYR C 209 -4.01 5.44 25.40
CA TYR C 209 -4.66 5.42 24.08
C TYR C 209 -5.92 4.59 24.26
N LEU C 210 -7.08 5.25 24.18
CA LEU C 210 -8.34 4.53 24.35
C LEU C 210 -9.23 4.65 23.14
N SER C 211 -10.48 4.27 23.35
CA SER C 211 -11.52 4.33 22.34
C SER C 211 -12.34 5.58 22.66
N ALA C 212 -12.58 5.80 23.96
CA ALA C 212 -13.34 6.95 24.43
C ALA C 212 -12.53 8.25 24.24
N GLY C 213 -11.32 8.10 23.71
CA GLY C 213 -10.43 9.23 23.47
C GLY C 213 -9.12 9.11 24.25
N VAL C 214 -8.15 9.95 23.90
CA VAL C 214 -6.87 9.94 24.61
C VAL C 214 -7.01 10.66 25.96
N PHE C 215 -6.32 10.17 26.98
CA PHE C 215 -6.34 10.78 28.29
C PHE C 215 -4.89 10.98 28.70
N TRP C 216 -4.59 12.16 29.24
CA TRP C 216 -3.21 12.45 29.65
C TRP C 216 -2.99 12.30 31.15
N LEU C 217 -1.84 11.75 31.51
CA LEU C 217 -1.48 11.59 32.92
C LEU C 217 -1.40 13.02 33.44
N MET C 218 -2.10 13.27 34.54
CA MET C 218 -2.14 14.60 35.15
C MET C 218 -0.83 15.01 35.81
N SER C 219 0.21 15.17 35.00
CA SER C 219 1.52 15.55 35.50
C SER C 219 1.96 16.85 34.84
N PRO C 220 2.53 17.78 35.63
CA PRO C 220 3.01 19.09 35.16
C PRO C 220 4.20 18.96 34.22
N ARG C 221 4.72 17.74 34.09
CA ARG C 221 5.86 17.43 33.24
C ARG C 221 5.44 16.81 31.91
N MET C 222 4.16 16.53 31.75
CA MET C 222 3.70 15.96 30.51
C MET C 222 3.64 17.08 29.45
N THR C 223 3.87 16.69 28.19
CA THR C 223 3.90 17.63 27.08
C THR C 223 3.15 17.00 25.91
N SER C 224 2.70 17.84 24.98
CA SER C 224 1.99 17.38 23.79
C SER C 224 2.93 16.61 22.89
N ALA C 225 4.23 16.78 23.13
CA ALA C 225 5.26 16.12 22.34
C ALA C 225 5.64 14.73 22.85
N ILE C 226 5.21 14.36 24.05
CA ILE C 226 5.57 13.05 24.58
C ILE C 226 5.03 11.82 23.81
N PRO C 227 3.74 11.83 23.44
CA PRO C 227 3.25 10.65 22.71
C PRO C 227 4.08 10.33 21.46
N PRO C 228 4.35 11.32 20.59
CA PRO C 228 5.14 11.07 19.38
C PRO C 228 6.54 10.60 19.74
N LEU C 229 7.18 11.29 20.68
CA LEU C 229 8.52 10.91 21.13
C LEU C 229 8.56 9.45 21.57
N LEU C 230 7.62 9.06 22.43
CA LEU C 230 7.59 7.70 22.93
C LEU C 230 7.30 6.70 21.83
N SER C 231 6.47 7.08 20.86
CA SER C 231 6.15 6.18 19.76
C SER C 231 7.39 5.92 18.90
N ASP C 232 8.26 6.93 18.72
CA ASP C 232 9.48 6.73 17.92
C ASP C 232 10.43 5.82 18.69
N LEU C 233 10.52 6.04 20.00
CA LEU C 233 11.41 5.25 20.84
C LEU C 233 11.03 3.77 20.82
N VAL C 234 9.73 3.46 20.90
CA VAL C 234 9.34 2.06 20.89
C VAL C 234 9.73 1.40 19.58
N ASN C 235 9.43 2.05 18.46
CA ASN C 235 9.79 1.47 17.16
C ASN C 235 11.29 1.20 17.13
N LEU C 236 12.10 2.20 17.50
CA LEU C 236 13.55 2.03 17.50
C LEU C 236 13.97 0.88 18.42
N ALA C 237 13.29 0.77 19.56
CA ALA C 237 13.59 -0.29 20.51
C ALA C 237 13.36 -1.66 19.86
N ILE C 238 12.20 -1.83 19.22
CA ILE C 238 11.86 -3.10 18.56
C ILE C 238 12.84 -3.39 17.44
N LEU C 239 13.07 -2.39 16.58
CA LEU C 239 13.97 -2.54 15.43
C LEU C 239 15.41 -2.86 15.80
N GLN C 240 15.91 -2.30 16.90
CA GLN C 240 17.28 -2.59 17.29
C GLN C 240 17.41 -4.08 17.59
N GLN C 241 16.34 -4.66 18.12
CA GLN C 241 16.36 -6.08 18.47
C GLN C 241 16.03 -6.98 17.31
N THR C 242 15.19 -6.50 16.39
CA THR C 242 14.74 -7.32 15.25
C THR C 242 15.36 -7.08 13.89
N ALA C 243 15.94 -5.91 13.67
CA ALA C 243 16.58 -5.66 12.39
C ALA C 243 18.06 -5.76 12.70
N GLY C 244 18.33 -6.01 13.98
CA GLY C 244 19.69 -6.14 14.45
C GLY C 244 20.49 -4.89 14.19
N LEU C 245 19.81 -3.74 14.23
CA LEU C 245 20.45 -2.44 13.99
C LEU C 245 21.61 -2.16 14.92
N ASP C 246 22.57 -1.40 14.42
CA ASP C 246 23.74 -1.00 15.18
C ASP C 246 23.27 -0.05 16.28
N PRO C 247 23.51 -0.42 17.56
CA PRO C 247 23.09 0.40 18.70
C PRO C 247 23.63 1.84 18.66
N SER C 248 24.89 1.99 18.30
CA SER C 248 25.52 3.31 18.24
C SER C 248 24.77 4.22 17.28
N LEU C 249 24.29 3.66 16.18
CA LEU C 249 23.52 4.44 15.20
C LEU C 249 22.17 4.80 15.82
N VAL C 250 21.51 3.80 16.38
CA VAL C 250 20.22 3.99 17.00
C VAL C 250 20.23 5.16 17.99
N LYS C 251 21.29 5.29 18.77
CA LYS C 251 21.37 6.39 19.73
C LYS C 251 21.31 7.71 18.97
N LEU C 252 21.92 7.76 17.79
CA LEU C 252 21.88 8.96 16.99
C LEU C 252 20.43 9.31 16.69
N GLY C 253 19.64 8.28 16.39
CA GLY C 253 18.23 8.48 16.10
C GLY C 253 17.48 8.96 17.31
N VAL C 254 17.87 8.48 18.49
CA VAL C 254 17.20 8.91 19.71
C VAL C 254 17.49 10.39 19.99
N GLN C 255 18.74 10.80 19.77
CA GLN C 255 19.14 12.18 19.98
C GLN C 255 18.28 13.10 19.15
N ILE C 256 18.12 12.78 17.87
CA ILE C 256 17.28 13.60 17.01
C ILE C 256 15.87 13.72 17.62
N CYS C 257 15.28 12.59 18.01
CA CYS C 257 13.96 12.60 18.62
C CYS C 257 13.93 13.45 19.89
N LEU C 258 14.97 13.32 20.71
CA LEU C 258 15.02 14.11 21.94
C LEU C 258 15.08 15.61 21.59
N HIS C 259 15.80 15.95 20.54
CA HIS C 259 15.89 17.33 20.06
C HIS C 259 14.55 17.81 19.54
N ALA C 260 13.81 16.91 18.90
CA ALA C 260 12.49 17.24 18.37
C ALA C 260 11.53 17.50 19.53
N ALA C 261 11.66 16.72 20.59
CA ALA C 261 10.81 16.92 21.77
C ALA C 261 11.27 18.16 22.54
N ALA C 262 12.53 18.54 22.37
CA ALA C 262 13.08 19.70 23.06
C ALA C 262 12.80 21.00 22.32
N SER C 263 12.45 20.88 21.04
CA SER C 263 12.15 22.05 20.22
C SER C 263 10.78 22.58 20.58
N SER C 264 10.28 23.50 19.76
CA SER C 264 8.96 24.08 20.01
C SER C 264 7.88 23.30 19.27
N SER C 265 8.27 22.33 18.45
CA SER C 265 7.29 21.51 17.71
C SER C 265 7.91 20.21 17.19
N TYR C 266 7.56 19.10 17.84
CA TYR C 266 8.10 17.81 17.46
C TYR C 266 7.98 17.51 15.97
N SER C 267 6.75 17.55 15.45
CA SER C 267 6.52 17.28 14.03
C SER C 267 7.31 18.19 13.11
N TRP C 268 7.20 19.49 13.33
CA TRP C 268 7.91 20.48 12.52
C TRP C 268 9.41 20.16 12.50
N PHE C 269 9.99 20.02 13.68
CA PHE C 269 11.42 19.72 13.77
C PHE C 269 11.76 18.43 13.00
N ILE C 270 10.90 17.42 13.11
CA ILE C 270 11.11 16.15 12.42
C ILE C 270 11.09 16.35 10.91
N LEU C 271 10.14 17.14 10.45
CA LEU C 271 10.00 17.45 9.02
C LEU C 271 11.28 18.13 8.47
N LYS C 272 11.81 19.11 9.20
CA LYS C 272 13.00 19.84 8.77
C LYS C 272 14.30 19.03 8.82
N THR C 273 14.38 18.05 9.71
CA THR C 273 15.61 17.27 9.80
C THR C 273 15.58 15.84 9.26
N LYS C 274 14.43 15.43 8.71
CA LYS C 274 14.23 14.08 8.17
C LYS C 274 15.22 13.58 7.11
N SER C 275 16.04 14.46 6.55
CA SER C 275 16.97 14.04 5.54
C SER C 275 18.35 13.74 6.10
N ILE C 276 18.55 14.03 7.39
CA ILE C 276 19.85 13.79 8.00
C ILE C 276 20.48 12.42 7.72
N PHE C 277 19.80 11.34 8.09
CA PHE C 277 20.36 10.02 7.86
C PHE C 277 20.55 9.68 6.37
N PRO C 278 19.54 9.93 5.51
CA PRO C 278 19.72 9.62 4.10
C PRO C 278 20.88 10.41 3.47
N GLN C 279 20.89 11.73 3.68
CA GLN C 279 21.93 12.59 3.15
C GLN C 279 23.34 12.26 3.58
N ASN C 280 23.52 11.95 4.85
CA ASN C 280 24.85 11.66 5.35
C ASN C 280 25.34 10.23 5.23
N THR C 281 24.60 9.39 4.50
CA THR C 281 24.99 8.00 4.30
C THR C 281 24.70 7.62 2.86
N LEU C 282 23.46 7.23 2.58
CA LEU C 282 23.02 6.85 1.24
C LEU C 282 23.56 7.78 0.16
N HIS C 283 23.24 9.06 0.24
CA HIS C 283 23.69 10.03 -0.76
C HIS C 283 25.14 10.55 -0.59
N SER C 284 25.97 9.84 0.19
CA SER C 284 27.36 10.27 0.40
C SER C 284 28.28 9.06 0.41
N MET C 285 27.77 7.93 -0.07
CA MET C 285 28.56 6.72 -0.09
C MET C 285 29.63 6.65 -1.17
N TYR C 286 30.73 6.03 -0.79
CA TYR C 286 31.84 5.78 -1.70
C TYR C 286 32.51 6.97 -2.39
N GLU C 287 32.80 8.05 -1.67
CA GLU C 287 33.49 9.16 -2.31
C GLU C 287 34.80 8.53 -2.81
N SER C 288 35.17 7.44 -2.14
CA SER C 288 36.34 6.66 -2.49
C SER C 288 35.79 5.24 -2.67
N LEU C 289 36.42 4.44 -3.52
CA LEU C 289 35.93 3.09 -3.77
C LEU C 289 37.04 2.14 -4.20
N GLU C 290 37.31 1.12 -3.38
CA GLU C 290 38.38 0.18 -3.69
C GLU C 290 37.95 -1.15 -4.27
N GLY C 291 36.70 -1.56 -4.02
CA GLY C 291 36.26 -2.84 -4.55
C GLY C 291 34.79 -3.17 -4.33
N GLY C 292 34.48 -4.46 -4.37
CA GLY C 292 33.12 -4.91 -4.18
C GLY C 292 32.50 -5.30 -5.51
N TYR C 293 31.29 -5.84 -5.47
CA TYR C 293 30.61 -6.25 -6.70
C TYR C 293 29.19 -5.71 -6.77
N CYS C 294 28.73 -5.41 -7.99
CA CYS C 294 27.38 -4.93 -8.16
C CYS C 294 26.77 -5.73 -9.31
N PRO C 295 25.44 -5.75 -9.41
CA PRO C 295 24.77 -6.50 -10.47
C PRO C 295 25.16 -6.08 -11.88
N ASN C 296 24.86 -6.94 -12.83
CA ASN C 296 25.12 -6.69 -14.24
C ASN C 296 23.86 -7.20 -14.93
N LEU C 297 22.91 -6.29 -15.10
CA LEU C 297 21.66 -6.64 -15.75
C LEU C 297 21.55 -6.08 -17.16
N GLU C 298 20.77 -6.79 -17.96
CA GLU C 298 20.51 -6.36 -19.31
C GLU C 298 19.05 -6.02 -19.32
N TRP C 299 18.69 -4.89 -19.92
CA TRP C 299 17.29 -4.49 -19.99
C TRP C 299 16.75 -5.09 -21.28
N LEU C 300 15.91 -6.11 -21.18
CA LEU C 300 15.32 -6.75 -22.34
C LEU C 300 14.42 -5.82 -23.15
N GLU C 301 14.08 -6.24 -24.37
CA GLU C 301 13.21 -5.47 -25.26
C GLU C 301 11.85 -6.13 -25.35
N PRO C 302 10.77 -5.33 -25.42
CA PRO C 302 10.83 -3.88 -25.40
C PRO C 302 10.97 -3.41 -23.95
N ARG C 303 11.76 -2.37 -23.75
CA ARG C 303 11.99 -1.85 -22.41
C ARG C 303 10.68 -1.66 -21.62
N SER C 304 9.58 -1.44 -22.33
CA SER C 304 8.27 -1.26 -21.68
C SER C 304 7.81 -2.45 -20.85
N ASP C 305 8.36 -3.64 -21.10
CA ASP C 305 7.98 -4.83 -20.34
C ASP C 305 8.67 -4.85 -18.99
N TYR C 306 9.64 -3.95 -18.79
CA TYR C 306 10.36 -3.88 -17.54
C TYR C 306 10.84 -5.26 -17.11
N LYS C 307 11.44 -5.96 -18.06
CA LYS C 307 11.96 -7.31 -17.89
C LYS C 307 13.48 -7.26 -18.05
N PHE C 308 14.19 -7.82 -17.07
CA PHE C 308 15.66 -7.82 -17.07
C PHE C 308 16.22 -9.21 -16.84
N MET C 309 17.47 -9.39 -17.25
CA MET C 309 18.14 -10.68 -17.05
C MET C 309 19.51 -10.46 -16.41
N TYR C 310 19.76 -11.25 -15.37
CA TYR C 310 21.00 -11.22 -14.60
C TYR C 310 22.11 -11.77 -15.47
N MET C 311 23.24 -11.07 -15.54
CA MET C 311 24.36 -11.53 -16.36
C MET C 311 25.67 -11.77 -15.61
N GLY C 312 25.66 -11.63 -14.29
CA GLY C 312 26.87 -11.84 -13.52
C GLY C 312 27.15 -10.67 -12.60
N VAL C 313 28.42 -10.46 -12.26
CA VAL C 313 28.77 -9.35 -11.38
C VAL C 313 29.69 -8.34 -12.06
N MET C 314 29.55 -7.08 -11.65
CA MET C 314 30.40 -6.00 -12.19
C MET C 314 31.40 -5.63 -11.11
N PRO C 315 32.67 -6.00 -11.30
CA PRO C 315 33.72 -5.69 -10.32
C PRO C 315 33.83 -4.17 -10.17
N LEU C 316 33.93 -3.70 -8.93
CA LEU C 316 34.02 -2.27 -8.70
C LEU C 316 35.45 -1.81 -8.43
N SER C 317 35.72 -0.54 -8.70
CA SER C 317 37.06 0.02 -8.48
C SER C 317 36.93 1.53 -8.37
N ALA C 318 38.04 2.20 -8.11
CA ALA C 318 38.05 3.64 -7.99
C ALA C 318 37.32 4.28 -9.17
N LYS C 319 37.40 3.62 -10.32
CA LYS C 319 36.76 4.10 -11.53
C LYS C 319 35.29 4.46 -11.33
N TYR C 320 34.66 3.82 -10.35
CA TYR C 320 33.25 4.05 -10.09
C TYR C 320 32.93 4.84 -8.82
N ALA C 321 33.96 5.40 -8.19
CA ALA C 321 33.75 6.19 -6.98
C ALA C 321 32.71 7.26 -7.24
N ARG C 322 32.11 7.78 -6.18
CA ARG C 322 31.10 8.80 -6.30
C ARG C 322 31.63 9.94 -7.16
N SER C 323 30.94 10.23 -8.26
CA SER C 323 31.34 11.31 -9.15
C SER C 323 30.31 12.43 -9.05
N ALA C 324 29.14 12.11 -8.52
CA ALA C 324 28.09 13.10 -8.36
C ALA C 324 28.58 14.13 -7.35
N PRO C 325 28.11 15.38 -7.46
CA PRO C 325 28.48 16.51 -6.58
C PRO C 325 28.41 16.20 -5.09
N SER C 326 29.31 16.81 -4.31
CA SER C 326 29.34 16.59 -2.86
C SER C 326 28.29 17.44 -2.16
N ASN C 327 27.58 16.83 -1.21
CA ASN C 327 26.52 17.49 -0.46
C ASN C 327 26.96 17.89 0.94
N ASP C 328 28.24 17.66 1.23
CA ASP C 328 28.86 17.97 2.52
C ASP C 328 28.45 19.33 3.09
N LYS C 329 28.67 20.40 2.34
CA LYS C 329 28.34 21.74 2.80
C LYS C 329 26.89 21.92 3.24
N LYS C 330 25.94 21.67 2.34
CA LYS C 330 24.52 21.81 2.70
C LYS C 330 24.13 20.90 3.86
N ALA C 331 24.62 19.67 3.85
CA ALA C 331 24.32 18.70 4.89
C ALA C 331 24.78 19.23 6.26
N ARG C 332 25.99 19.78 6.32
CA ARG C 332 26.52 20.34 7.57
C ARG C 332 25.80 21.63 7.97
N GLU C 333 25.36 22.40 6.98
CA GLU C 333 24.66 23.63 7.28
C GLU C 333 23.35 23.27 7.94
N LEU C 334 22.71 22.23 7.41
CA LEU C 334 21.44 21.75 7.93
C LEU C 334 21.59 21.29 9.38
N GLY C 335 22.65 20.54 9.66
CA GLY C 335 22.90 20.07 11.00
C GLY C 335 23.13 21.22 11.97
N GLU C 336 23.92 22.21 11.53
CA GLU C 336 24.21 23.38 12.36
C GLU C 336 22.96 24.16 12.68
N LYS C 337 22.10 24.33 11.68
CA LYS C 337 20.86 25.09 11.85
C LYS C 337 19.87 24.47 12.83
N TYR C 338 19.84 23.14 12.93
CA TYR C 338 18.91 22.47 13.83
C TYR C 338 19.51 21.84 15.07
N GLY C 339 20.72 22.29 15.44
CA GLY C 339 21.40 21.77 16.60
C GLY C 339 21.75 20.30 16.53
N LEU C 340 22.04 19.79 15.33
CA LEU C 340 22.38 18.37 15.18
C LEU C 340 23.72 18.12 14.49
N SER C 341 24.58 19.14 14.47
CA SER C 341 25.88 19.04 13.81
C SER C 341 26.72 17.92 14.39
N SER C 342 26.45 17.56 15.63
CA SER C 342 27.19 16.49 16.28
C SER C 342 26.84 15.17 15.58
N VAL C 343 25.56 15.01 15.24
CA VAL C 343 25.09 13.81 14.56
C VAL C 343 25.57 13.76 13.10
N VAL C 344 25.32 14.83 12.35
CA VAL C 344 25.76 14.87 10.97
C VAL C 344 27.26 14.55 10.88
N GLY C 345 28.06 15.18 11.72
CA GLY C 345 29.50 14.94 11.70
C GLY C 345 29.90 13.49 11.91
N GLU C 346 29.25 12.83 12.86
CA GLU C 346 29.51 11.43 13.17
C GLU C 346 29.14 10.57 11.96
N LEU C 347 27.99 10.87 11.36
CA LEU C 347 27.52 10.11 10.20
C LEU C 347 28.48 10.31 9.03
N ARG C 348 28.94 11.55 8.83
CA ARG C 348 29.88 11.86 7.74
C ARG C 348 31.18 11.07 7.91
N LYS C 349 31.70 11.05 9.14
CA LYS C 349 32.92 10.34 9.47
C LYS C 349 32.80 8.83 9.19
N ARG C 350 31.75 8.21 9.73
CA ARG C 350 31.57 6.78 9.52
C ARG C 350 31.37 6.44 8.04
N THR C 351 30.58 7.25 7.35
CA THR C 351 30.31 7.01 5.94
C THR C 351 31.59 6.98 5.12
N LYS C 352 32.57 7.76 5.54
CA LYS C 352 33.83 7.80 4.82
C LYS C 352 34.64 6.50 5.01
N THR C 353 34.46 5.82 6.14
CA THR C 353 35.21 4.59 6.38
C THR C 353 34.84 3.43 5.46
N TYR C 354 33.71 3.53 4.77
CA TYR C 354 33.27 2.47 3.86
C TYR C 354 33.80 2.71 2.46
N VAL C 355 34.85 1.97 2.10
CA VAL C 355 35.49 2.12 0.81
C VAL C 355 35.20 0.96 -0.11
N LYS C 356 34.49 -0.04 0.41
CA LYS C 356 34.10 -1.18 -0.39
C LYS C 356 32.59 -1.23 -0.37
N HIS C 357 31.99 -1.53 -1.52
CA HIS C 357 30.55 -1.66 -1.62
C HIS C 357 30.28 -3.13 -1.37
N ASP C 358 29.60 -3.43 -0.27
CA ASP C 358 29.29 -4.81 0.08
C ASP C 358 28.13 -4.91 1.07
N PHE C 359 27.87 -6.12 1.54
CA PHE C 359 26.79 -6.37 2.49
C PHE C 359 26.92 -5.42 3.67
N ALA C 360 28.10 -5.39 4.26
CA ALA C 360 28.35 -4.54 5.41
C ALA C 360 28.00 -3.07 5.15
N SER C 361 28.43 -2.50 4.04
CA SER C 361 28.14 -1.09 3.76
C SER C 361 26.66 -0.76 3.50
N VAL C 362 25.94 -1.62 2.80
CA VAL C 362 24.52 -1.32 2.55
C VAL C 362 23.71 -1.51 3.83
N ARG C 363 24.11 -2.47 4.66
CA ARG C 363 23.42 -2.72 5.94
C ARG C 363 23.59 -1.48 6.84
N TYR C 364 24.73 -0.81 6.69
CA TYR C 364 25.03 0.40 7.44
C TYR C 364 24.05 1.51 7.05
N ILE C 365 23.83 1.66 5.74
CA ILE C 365 22.91 2.66 5.21
C ILE C 365 21.52 2.33 5.73
N ARG C 366 21.11 1.09 5.48
CA ARG C 366 19.80 0.62 5.90
C ARG C 366 19.61 0.93 7.38
N ASP C 367 20.59 0.53 8.18
CA ASP C 367 20.51 0.75 9.62
C ASP C 367 20.34 2.21 9.95
N ALA C 368 21.13 3.05 9.30
CA ALA C 368 21.08 4.49 9.52
C ALA C 368 19.69 5.03 9.17
N MET C 369 19.15 4.56 8.05
CA MET C 369 17.85 5.04 7.61
C MET C 369 16.66 4.49 8.38
N ALA C 370 16.90 3.57 9.30
CA ALA C 370 15.79 3.02 10.09
C ALA C 370 15.58 3.92 11.31
N CYS C 371 16.55 4.78 11.55
CA CYS C 371 16.54 5.66 12.71
C CYS C 371 15.77 6.97 12.58
N THR C 372 15.21 7.23 11.39
CA THR C 372 14.44 8.45 11.13
C THR C 372 13.08 8.31 11.79
N SER C 373 12.58 9.37 12.42
CA SER C 373 11.27 9.30 13.05
C SER C 373 10.27 8.62 12.12
N GLY C 374 9.33 7.90 12.71
CA GLY C 374 8.33 7.19 11.93
C GLY C 374 6.93 7.72 12.18
N ILE C 375 6.83 8.90 12.78
CA ILE C 375 5.52 9.45 13.06
C ILE C 375 4.82 10.00 11.82
N PHE C 376 3.50 9.93 11.88
CA PHE C 376 2.62 10.45 10.83
C PHE C 376 2.38 11.88 11.28
N LEU C 377 3.01 12.85 10.61
CA LEU C 377 2.84 14.24 10.98
C LEU C 377 1.38 14.66 11.02
N VAL C 378 1.07 15.54 11.96
CA VAL C 378 -0.29 16.02 12.11
C VAL C 378 -0.32 17.53 12.35
N ARG C 379 -1.34 18.16 11.80
CA ARG C 379 -1.59 19.59 11.98
C ARG C 379 -3.08 19.72 11.73
N THR C 380 -3.67 20.86 12.03
CA THR C 380 -5.10 20.98 11.81
C THR C 380 -5.46 21.10 10.32
N PRO C 381 -6.66 20.62 9.95
CA PRO C 381 -7.19 20.64 8.59
C PRO C 381 -7.08 22.04 7.98
N THR C 382 -7.49 23.03 8.78
CA THR C 382 -7.43 24.42 8.37
C THR C 382 -6.03 24.78 7.87
N GLU C 383 -5.01 24.34 8.59
CA GLU C 383 -3.64 24.61 8.21
C GLU C 383 -3.22 23.91 6.91
N THR C 384 -3.60 22.64 6.75
CA THR C 384 -3.26 21.91 5.55
C THR C 384 -3.83 22.62 4.32
N VAL C 385 -5.13 22.91 4.39
CA VAL C 385 -5.82 23.58 3.30
C VAL C 385 -5.23 24.94 2.97
N LEU C 386 -4.91 25.73 3.99
CA LEU C 386 -4.32 27.05 3.73
C LEU C 386 -2.86 27.01 3.30
N GLN C 387 -2.19 25.86 3.46
CA GLN C 387 -0.80 25.76 3.02
C GLN C 387 -0.68 25.06 1.67
N GLU C 388 -1.61 24.18 1.34
CA GLU C 388 -1.55 23.44 0.08
C GLU C 388 -2.34 24.06 -1.08
N TYR C 389 -3.43 24.75 -0.77
CA TYR C 389 -4.24 25.37 -1.82
C TYR C 389 -4.06 26.88 -1.89
N THR C 390 -2.82 27.33 -1.74
CA THR C 390 -2.53 28.76 -1.79
C THR C 390 -1.48 29.11 -2.83
N GLN C 391 -0.32 28.48 -2.72
CA GLN C 391 0.77 28.74 -3.66
C GLN C 391 0.38 28.51 -5.11
N SER C 392 0.78 29.43 -5.97
CA SER C 392 0.50 29.36 -7.40
C SER C 392 1.81 29.28 -8.19
N PRO C 393 1.82 28.50 -9.28
CA PRO C 393 3.00 28.32 -10.13
C PRO C 393 3.43 29.64 -10.76
N GLU C 394 4.73 29.89 -10.80
CA GLU C 394 5.19 31.12 -11.43
C GLU C 394 5.56 30.79 -12.87
N ILE C 395 4.66 31.11 -13.79
CA ILE C 395 4.86 30.87 -15.21
C ILE C 395 5.78 31.96 -15.75
N LYS C 396 7.09 31.73 -15.70
CA LYS C 396 8.05 32.73 -16.16
C LYS C 396 7.96 33.11 -17.65
N VAL C 397 7.35 32.26 -18.47
CA VAL C 397 7.19 32.56 -19.90
C VAL C 397 5.77 32.18 -20.35
N PRO C 398 4.78 33.02 -20.04
CA PRO C 398 3.38 32.80 -20.39
C PRO C 398 3.06 32.60 -21.85
N ILE C 399 1.92 31.97 -22.10
CA ILE C 399 1.46 31.77 -23.46
C ILE C 399 0.88 33.13 -23.82
N PRO C 400 1.38 33.77 -24.89
CA PRO C 400 0.85 35.08 -25.26
C PRO C 400 -0.66 35.07 -25.47
N GLN C 401 -1.34 36.13 -25.04
CA GLN C 401 -2.78 36.23 -25.22
C GLN C 401 -3.11 36.19 -26.71
N LYS C 402 -2.25 36.81 -27.52
CA LYS C 402 -2.47 36.84 -28.96
C LYS C 402 -2.48 35.47 -29.60
N ASP C 403 -1.95 34.47 -28.90
CA ASP C 403 -1.88 33.11 -29.45
C ASP C 403 -3.13 32.24 -29.30
N TRP C 404 -4.20 32.81 -28.75
CA TRP C 404 -5.43 32.06 -28.61
C TRP C 404 -6.46 32.54 -29.63
N THR C 405 -7.32 31.63 -30.09
CA THR C 405 -8.35 32.04 -31.04
C THR C 405 -9.50 32.56 -30.20
N GLY C 406 -10.59 32.92 -30.86
CA GLY C 406 -11.76 33.37 -30.15
C GLY C 406 -12.30 32.09 -29.52
N PRO C 407 -13.23 32.18 -28.57
CA PRO C 407 -13.82 31.00 -27.91
C PRO C 407 -14.65 30.05 -28.76
N ILE C 408 -14.75 28.83 -28.27
CA ILE C 408 -15.57 27.78 -28.87
C ILE C 408 -16.12 27.24 -27.58
N GLY C 409 -17.10 27.96 -27.07
CA GLY C 409 -17.70 27.59 -25.80
C GLY C 409 -16.76 28.04 -24.71
N GLU C 410 -16.15 27.08 -24.04
CA GLU C 410 -15.24 27.34 -22.94
C GLU C 410 -13.79 27.26 -23.36
N ILE C 411 -13.53 26.78 -24.57
CA ILE C 411 -12.14 26.66 -25.01
C ILE C 411 -11.69 27.58 -26.13
N ARG C 412 -10.38 27.77 -26.20
CA ARG C 412 -9.74 28.59 -27.21
C ARG C 412 -8.63 27.74 -27.78
N ILE C 413 -8.55 27.69 -29.10
CA ILE C 413 -7.51 26.90 -29.72
C ILE C 413 -6.19 27.67 -29.70
N LEU C 414 -5.11 26.93 -29.51
CA LEU C 414 -3.77 27.50 -29.50
C LEU C 414 -3.35 27.59 -30.97
N LYS C 415 -3.34 28.80 -31.52
CA LYS C 415 -2.97 28.99 -32.92
C LYS C 415 -1.67 28.26 -33.23
N ASP C 416 -1.58 27.66 -34.41
CA ASP C 416 -0.37 26.92 -34.80
C ASP C 416 0.82 27.84 -35.12
N THR C 417 0.64 29.14 -34.95
CA THR C 417 1.71 30.12 -35.21
C THR C 417 2.33 30.55 -33.89
N THR C 418 1.95 29.90 -32.80
CA THR C 418 2.48 30.24 -31.51
C THR C 418 3.95 29.84 -31.42
N SER C 419 4.75 30.74 -30.86
CA SER C 419 6.17 30.45 -30.72
C SER C 419 6.38 29.86 -29.32
N SER C 420 5.28 29.67 -28.60
CA SER C 420 5.32 29.13 -27.25
C SER C 420 5.66 27.66 -27.21
N ILE C 421 6.25 27.24 -26.08
CA ILE C 421 6.62 25.86 -25.89
C ILE C 421 5.35 25.00 -25.73
N ALA C 422 4.23 25.67 -25.49
CA ALA C 422 2.93 25.00 -25.33
C ALA C 422 2.58 24.28 -26.62
N ARG C 423 3.19 24.75 -27.70
CA ARG C 423 3.02 24.20 -29.04
C ARG C 423 3.12 22.68 -28.96
N TYR C 424 4.20 22.20 -28.35
CA TYR C 424 4.45 20.78 -28.22
C TYR C 424 3.52 20.02 -27.28
N LEU C 425 3.19 20.64 -26.16
CA LEU C 425 2.30 20.05 -25.19
C LEU C 425 0.93 19.82 -25.85
N TYR C 426 0.52 20.80 -26.64
CA TYR C 426 -0.76 20.73 -27.31
C TYR C 426 -0.80 19.65 -28.39
N ARG C 427 0.28 19.52 -29.15
CA ARG C 427 0.35 18.55 -30.23
C ARG C 427 0.23 17.11 -29.71
N THR C 428 0.92 16.81 -28.61
CA THR C 428 0.90 15.49 -28.01
C THR C 428 -0.50 15.08 -27.54
N TRP C 429 -1.16 15.95 -26.78
CA TRP C 429 -2.50 15.65 -26.29
C TRP C 429 -3.51 15.56 -27.43
N TYR C 430 -3.29 16.37 -28.47
CA TYR C 430 -4.17 16.39 -29.64
C TYR C 430 -4.06 15.05 -30.35
N LEU C 431 -2.82 14.65 -30.61
CA LEU C 431 -2.52 13.40 -31.30
C LEU C 431 -3.14 12.22 -30.57
N ALA C 432 -2.81 12.13 -29.28
CA ALA C 432 -3.32 11.06 -28.44
C ALA C 432 -4.84 11.08 -28.37
N ALA C 433 -5.43 12.28 -28.29
CA ALA C 433 -6.88 12.42 -28.23
C ALA C 433 -7.52 11.78 -29.47
N ALA C 434 -7.02 12.15 -30.65
CA ALA C 434 -7.52 11.61 -31.90
C ALA C 434 -7.40 10.09 -32.00
N ARG C 435 -6.24 9.56 -31.67
CA ARG C 435 -6.02 8.10 -31.74
C ARG C 435 -6.92 7.35 -30.77
N MET C 436 -7.02 7.87 -29.55
CA MET C 436 -7.86 7.27 -28.54
C MET C 436 -9.32 7.25 -29.04
N ALA C 437 -9.85 8.41 -29.38
CA ALA C 437 -11.23 8.50 -29.88
C ALA C 437 -11.43 7.71 -31.17
N ALA C 438 -10.34 7.40 -31.86
CA ALA C 438 -10.44 6.67 -33.11
C ALA C 438 -10.59 5.18 -32.89
N GLN C 439 -10.10 4.69 -31.76
CA GLN C 439 -10.18 3.27 -31.45
C GLN C 439 -11.63 2.82 -31.39
N PRO C 440 -11.95 1.67 -32.01
CA PRO C 440 -13.31 1.14 -32.02
C PRO C 440 -13.83 0.77 -30.63
N ARG C 441 -12.95 0.24 -29.78
CA ARG C 441 -13.34 -0.14 -28.42
C ARG C 441 -13.96 1.06 -27.69
N THR C 442 -13.40 2.23 -27.92
CA THR C 442 -13.90 3.45 -27.30
C THR C 442 -15.38 3.63 -27.48
N TRP C 443 -15.91 3.14 -28.60
CA TRP C 443 -17.33 3.28 -28.89
C TRP C 443 -18.14 2.02 -28.60
N ASP C 444 -17.58 1.14 -27.78
CA ASP C 444 -18.29 -0.07 -27.42
C ASP C 444 -18.99 0.13 -26.07
N PRO C 445 -20.31 -0.13 -26.03
CA PRO C 445 -21.15 0.01 -24.83
C PRO C 445 -20.51 -0.57 -23.57
N LEU C 446 -19.77 -1.66 -23.71
CA LEU C 446 -19.12 -2.27 -22.55
C LEU C 446 -18.04 -1.38 -21.99
N PHE C 447 -17.18 -0.92 -22.89
CA PHE C 447 -16.08 -0.04 -22.52
C PHE C 447 -16.60 1.19 -21.79
N GLN C 448 -17.69 1.75 -22.29
CA GLN C 448 -18.29 2.93 -21.69
C GLN C 448 -18.99 2.60 -20.37
N ALA C 449 -19.37 1.35 -20.20
CA ALA C 449 -20.01 0.93 -18.96
C ALA C 449 -18.89 0.82 -17.92
N ILE C 450 -17.77 0.25 -18.34
CA ILE C 450 -16.63 0.10 -17.45
C ILE C 450 -16.21 1.48 -16.97
N MET C 451 -16.20 2.44 -17.88
CA MET C 451 -15.80 3.80 -17.55
C MET C 451 -16.82 4.48 -16.66
N ARG C 452 -18.10 4.26 -16.92
CA ARG C 452 -19.15 4.85 -16.10
C ARG C 452 -19.15 4.17 -14.73
N SER C 453 -18.61 2.95 -14.67
CA SER C 453 -18.59 2.20 -13.42
C SER C 453 -17.36 2.44 -12.57
N GLN C 454 -16.31 3.01 -13.17
CA GLN C 454 -15.08 3.26 -12.43
C GLN C 454 -15.31 4.06 -11.15
N TYR C 455 -16.04 5.16 -11.27
CA TYR C 455 -16.29 5.99 -10.11
C TYR C 455 -17.53 5.66 -9.29
N VAL C 456 -18.21 4.57 -9.62
CA VAL C 456 -19.38 4.16 -8.84
C VAL C 456 -18.77 3.26 -7.79
N THR C 457 -18.45 3.84 -6.63
CA THR C 457 -17.81 3.09 -5.55
C THR C 457 -18.39 3.37 -4.17
N ALA C 458 -17.99 2.52 -3.23
CA ALA C 458 -18.44 2.64 -1.84
C ALA C 458 -17.74 3.77 -1.09
N ARG C 459 -16.94 4.56 -1.79
CA ARG C 459 -16.26 5.68 -1.15
C ARG C 459 -17.07 6.97 -1.36
N GLY C 460 -16.66 8.04 -0.70
CA GLY C 460 -17.40 9.30 -0.81
C GLY C 460 -17.23 10.11 -2.09
N GLY C 461 -18.17 11.00 -2.35
CA GLY C 461 -18.08 11.83 -3.53
C GLY C 461 -18.75 13.19 -3.33
N SER C 462 -18.57 13.77 -2.15
CA SER C 462 -19.15 15.07 -1.80
C SER C 462 -20.66 15.04 -2.02
N GLY C 463 -21.29 13.97 -1.53
CA GLY C 463 -22.72 13.77 -1.69
C GLY C 463 -23.63 14.93 -1.29
N ALA C 464 -23.37 15.51 -0.13
CA ALA C 464 -24.19 16.62 0.34
C ALA C 464 -24.16 17.85 -0.58
N ALA C 465 -22.95 18.27 -0.95
CA ALA C 465 -22.79 19.42 -1.84
C ALA C 465 -23.51 19.21 -3.18
N LEU C 466 -23.47 17.99 -3.70
CA LEU C 466 -24.13 17.72 -4.97
C LEU C 466 -25.64 17.89 -4.83
N ARG C 467 -26.20 17.33 -3.75
CA ARG C 467 -27.62 17.42 -3.50
C ARG C 467 -28.09 18.88 -3.47
N GLU C 468 -27.27 19.75 -2.88
CA GLU C 468 -27.63 21.15 -2.80
C GLU C 468 -27.33 21.96 -4.05
N SER C 469 -26.29 21.60 -4.78
CA SER C 469 -26.00 22.34 -6.01
C SER C 469 -27.14 22.02 -6.97
N LEU C 470 -27.79 20.89 -6.75
CA LEU C 470 -28.90 20.46 -7.58
C LEU C 470 -30.19 21.12 -7.09
N TYR C 471 -30.31 21.27 -5.77
CA TYR C 471 -31.47 21.90 -5.18
C TYR C 471 -31.57 23.35 -5.69
N ALA C 472 -30.42 23.94 -5.97
CA ALA C 472 -30.32 25.31 -6.46
C ALA C 472 -31.02 25.52 -7.80
N ILE C 473 -31.31 24.44 -8.52
CA ILE C 473 -32.00 24.53 -9.81
C ILE C 473 -33.29 23.73 -9.74
N ASN C 474 -33.77 23.53 -8.52
CA ASN C 474 -35.01 22.83 -8.25
C ASN C 474 -35.06 21.40 -8.79
N VAL C 475 -34.02 20.62 -8.52
CA VAL C 475 -33.98 19.24 -8.95
C VAL C 475 -33.68 18.36 -7.75
N SER C 476 -34.72 17.75 -7.19
CA SER C 476 -34.56 16.87 -6.03
C SER C 476 -34.37 15.40 -6.41
N LEU C 477 -33.35 14.79 -5.83
CA LEU C 477 -33.00 13.41 -6.10
C LEU C 477 -33.76 12.45 -5.18
N PRO C 478 -33.90 11.17 -5.59
CA PRO C 478 -34.61 10.20 -4.77
C PRO C 478 -33.82 10.04 -3.47
N ASP C 479 -34.50 9.90 -2.36
CA ASP C 479 -33.81 9.73 -1.09
C ASP C 479 -33.81 8.27 -0.66
N PHE C 480 -34.64 7.45 -1.31
CA PHE C 480 -34.72 6.02 -0.98
C PHE C 480 -34.92 5.87 0.53
N LYS C 481 -35.87 6.61 1.09
CA LYS C 481 -36.08 6.53 2.52
C LYS C 481 -36.32 5.11 3.02
N GLY C 482 -35.46 4.66 3.94
CA GLY C 482 -35.61 3.33 4.50
C GLY C 482 -34.58 2.28 4.14
N LEU C 483 -33.61 2.60 3.29
CA LEU C 483 -32.59 1.61 2.90
C LEU C 483 -31.39 1.57 3.85
N PRO C 484 -30.97 0.36 4.25
CA PRO C 484 -29.83 0.09 5.16
C PRO C 484 -28.42 0.32 4.58
N VAL C 485 -28.33 1.18 3.57
CA VAL C 485 -27.05 1.48 2.94
C VAL C 485 -26.59 2.87 3.36
N LYS C 486 -25.29 3.11 3.27
CA LYS C 486 -24.73 4.41 3.60
C LYS C 486 -25.03 5.38 2.45
N ALA C 487 -25.60 6.54 2.77
CA ALA C 487 -25.95 7.51 1.74
C ALA C 487 -24.75 8.29 1.16
N ALA C 488 -23.70 8.47 1.95
CA ALA C 488 -22.53 9.21 1.48
C ALA C 488 -21.57 8.35 0.64
N THR C 489 -22.11 7.68 -0.37
CA THR C 489 -21.28 6.87 -1.26
C THR C 489 -21.63 7.25 -2.68
N LYS C 490 -20.66 7.17 -3.58
CA LYS C 490 -20.92 7.50 -4.97
C LYS C 490 -21.90 6.49 -5.55
N ILE C 491 -22.00 5.33 -4.90
CA ILE C 491 -22.92 4.28 -5.30
C ILE C 491 -24.37 4.79 -5.08
N PHE C 492 -24.58 5.47 -3.95
CA PHE C 492 -25.87 6.04 -3.61
C PHE C 492 -26.12 7.14 -4.65
N GLN C 493 -25.07 7.91 -4.93
CA GLN C 493 -25.15 8.99 -5.90
C GLN C 493 -25.60 8.47 -7.24
N ALA C 494 -25.01 7.35 -7.66
CA ALA C 494 -25.34 6.76 -8.95
C ALA C 494 -26.82 6.42 -9.01
N ALA C 495 -27.32 5.82 -7.93
CA ALA C 495 -28.72 5.43 -7.87
C ALA C 495 -29.64 6.65 -7.95
N GLN C 496 -29.23 7.76 -7.34
CA GLN C 496 -30.05 8.96 -7.38
C GLN C 496 -30.10 9.62 -8.75
N LEU C 497 -28.96 9.58 -9.44
CA LEU C 497 -28.83 10.18 -10.76
C LEU C 497 -29.17 9.28 -11.91
N ALA C 498 -29.30 7.99 -11.64
CA ALA C 498 -29.59 7.01 -12.70
C ALA C 498 -30.62 7.38 -13.77
N ASN C 499 -31.72 8.00 -13.37
CA ASN C 499 -32.76 8.30 -14.33
C ASN C 499 -33.01 9.77 -14.62
N LEU C 500 -31.93 10.55 -14.62
CA LEU C 500 -32.02 11.97 -14.89
C LEU C 500 -31.11 12.30 -16.06
N PRO C 501 -31.60 13.11 -17.01
CA PRO C 501 -30.80 13.49 -18.18
C PRO C 501 -29.60 14.35 -17.79
N PHE C 502 -28.50 14.20 -18.51
CA PHE C 502 -27.27 14.95 -18.24
C PHE C 502 -27.55 16.43 -18.07
N SER C 503 -28.52 16.96 -18.80
CA SER C 503 -28.88 18.38 -18.74
C SER C 503 -29.41 18.84 -17.37
N HIS C 504 -29.99 17.90 -16.63
CA HIS C 504 -30.54 18.22 -15.32
C HIS C 504 -29.51 18.11 -14.20
N THR C 505 -28.42 17.41 -14.45
CA THR C 505 -27.38 17.21 -13.44
C THR C 505 -26.09 17.93 -13.77
N SER C 506 -26.06 18.61 -14.92
CA SER C 506 -24.87 19.30 -15.37
C SER C 506 -24.31 20.25 -14.33
N VAL C 507 -25.19 21.00 -13.67
CA VAL C 507 -24.75 21.98 -12.67
C VAL C 507 -23.89 21.37 -11.57
N ALA C 508 -24.13 20.09 -11.28
CA ALA C 508 -23.40 19.42 -10.23
C ALA C 508 -21.91 19.39 -10.52
N ILE C 509 -21.55 19.54 -11.79
CA ILE C 509 -20.14 19.55 -12.18
C ILE C 509 -19.41 20.72 -11.53
N LEU C 510 -20.16 21.75 -11.14
CA LEU C 510 -19.57 22.90 -10.49
C LEU C 510 -19.87 22.96 -9.00
N ALA C 511 -20.49 21.90 -8.46
CA ALA C 511 -20.81 21.88 -7.04
C ALA C 511 -19.53 21.95 -6.21
N ASP C 512 -19.67 22.24 -4.92
CA ASP C 512 -18.51 22.34 -4.04
C ASP C 512 -17.87 20.97 -3.89
N THR C 513 -16.71 20.95 -3.24
CA THR C 513 -15.94 19.74 -2.98
C THR C 513 -15.74 19.64 -1.48
N SER C 514 -16.03 18.48 -0.91
CA SER C 514 -15.85 18.30 0.54
C SER C 514 -14.41 18.04 0.91
N MET C 515 -14.11 18.15 2.20
CA MET C 515 -12.74 17.92 2.64
C MET C 515 -12.43 16.45 2.93
N GLY C 516 -11.19 16.08 2.61
CA GLY C 516 -10.71 14.73 2.83
C GLY C 516 -9.23 14.86 3.09
N LEU C 517 -8.74 14.30 4.19
CA LEU C 517 -7.34 14.43 4.51
C LEU C 517 -6.61 13.12 4.69
N ARG C 518 -5.29 13.18 4.56
CA ARG C 518 -4.45 12.00 4.73
C ARG C 518 -3.10 12.36 5.37
N ASN C 519 -2.78 11.69 6.47
CA ASN C 519 -1.52 11.92 7.16
C ASN C 519 -0.46 10.97 6.63
N GLN C 520 0.79 11.41 6.65
CA GLN C 520 1.87 10.59 6.12
C GLN C 520 3.08 10.57 7.03
N VAL C 521 3.91 9.54 6.86
CA VAL C 521 5.12 9.44 7.64
C VAL C 521 6.16 10.32 6.94
N GLN C 522 6.91 11.08 7.73
CA GLN C 522 7.96 11.94 7.20
C GLN C 522 7.54 12.97 6.15
N ARG C 523 6.23 13.20 6.03
CA ARG C 523 5.74 14.17 5.06
C ARG C 523 4.62 15.00 5.71
N ARG C 524 4.10 15.99 5.01
CA ARG C 524 3.04 16.82 5.56
C ARG C 524 1.67 16.25 5.17
N PRO C 525 0.60 16.61 5.89
CA PRO C 525 -0.68 16.05 5.50
C PRO C 525 -1.07 16.58 4.13
N ARG C 526 -1.79 15.78 3.37
CA ARG C 526 -2.22 16.21 2.05
C ARG C 526 -3.74 16.28 1.98
N SER C 527 -4.25 17.35 1.38
CA SER C 527 -5.69 17.50 1.24
C SER C 527 -6.13 16.64 0.06
N ILE C 528 -7.37 16.18 0.11
CA ILE C 528 -7.90 15.33 -0.95
C ILE C 528 -9.24 15.87 -1.44
N MET C 529 -9.51 15.74 -2.73
CA MET C 529 -10.78 16.20 -3.28
C MET C 529 -11.67 15.07 -3.77
N PRO C 530 -12.72 14.75 -3.01
CA PRO C 530 -13.65 13.67 -3.38
C PRO C 530 -14.65 14.16 -4.42
N LEU C 531 -14.26 14.12 -5.68
CA LEU C 531 -15.13 14.57 -6.76
C LEU C 531 -16.43 13.76 -6.82
N ASN C 532 -17.50 14.39 -7.31
CA ASN C 532 -18.80 13.70 -7.41
C ASN C 532 -18.97 12.96 -8.73
N VAL C 533 -19.93 12.04 -8.78
CA VAL C 533 -20.16 11.27 -10.00
C VAL C 533 -20.20 12.09 -11.30
N PRO C 534 -20.97 13.19 -11.34
CA PRO C 534 -20.98 13.95 -12.60
C PRO C 534 -19.61 14.55 -12.89
N GLN C 535 -18.88 14.93 -11.85
CA GLN C 535 -17.55 15.50 -12.01
C GLN C 535 -16.57 14.43 -12.50
N GLN C 536 -16.71 13.21 -12.01
CA GLN C 536 -15.82 12.15 -12.46
C GLN C 536 -16.20 11.76 -13.89
N GLN C 537 -17.49 11.74 -14.18
CA GLN C 537 -17.97 11.37 -15.50
C GLN C 537 -17.40 12.27 -16.57
N VAL C 538 -17.57 13.56 -16.38
CA VAL C 538 -17.13 14.57 -17.31
C VAL C 538 -15.61 14.60 -17.46
N SER C 539 -14.90 14.00 -16.52
CA SER C 539 -13.44 13.97 -16.56
C SER C 539 -12.89 12.84 -17.44
N ALA C 540 -13.78 11.98 -17.92
CA ALA C 540 -13.37 10.82 -18.71
C ALA C 540 -12.41 11.10 -19.87
N PRO C 541 -12.75 12.04 -20.75
CA PRO C 541 -11.89 12.36 -21.89
C PRO C 541 -10.47 12.72 -21.48
N HIS C 542 -10.34 13.42 -20.37
CA HIS C 542 -9.04 13.83 -19.86
C HIS C 542 -8.27 12.58 -19.45
N THR C 543 -8.94 11.70 -18.71
CA THR C 543 -8.34 10.45 -18.23
C THR C 543 -7.93 9.49 -19.36
N LEU C 544 -8.84 9.28 -20.32
CA LEU C 544 -8.58 8.39 -21.45
C LEU C 544 -7.42 8.82 -22.33
N THR C 545 -7.35 10.12 -22.61
CA THR C 545 -6.28 10.63 -23.44
C THR C 545 -4.94 10.45 -22.73
N ALA C 546 -4.96 10.67 -21.42
CA ALA C 546 -3.76 10.52 -20.60
C ALA C 546 -3.32 9.06 -20.61
N ASP C 547 -4.29 8.14 -20.54
CA ASP C 547 -3.97 6.72 -20.56
C ASP C 547 -3.37 6.34 -21.90
N TYR C 548 -3.90 6.91 -22.97
CA TYR C 548 -3.39 6.60 -24.29
C TYR C 548 -1.93 7.04 -24.41
N ILE C 549 -1.60 8.19 -23.84
CA ILE C 549 -0.23 8.68 -23.91
C ILE C 549 0.68 7.72 -23.15
N ASN C 550 0.27 7.34 -21.95
CA ASN C 550 1.06 6.45 -21.11
C ASN C 550 1.23 5.03 -21.64
N TYR C 551 0.24 4.55 -22.38
CA TYR C 551 0.33 3.20 -22.89
C TYR C 551 1.08 3.12 -24.22
N HIS C 552 0.98 4.19 -25.01
CA HIS C 552 1.59 4.22 -26.35
C HIS C 552 2.73 5.20 -26.62
N MET C 553 2.81 6.30 -25.90
CA MET C 553 3.83 7.29 -26.20
C MET C 553 5.03 7.45 -25.27
N ASN C 554 4.96 6.89 -24.07
CA ASN C 554 6.10 7.00 -23.14
C ASN C 554 6.48 5.70 -22.44
N LEU C 555 7.28 5.84 -21.40
CA LEU C 555 7.76 4.73 -20.60
C LEU C 555 7.32 5.02 -19.17
N SER C 556 6.24 4.38 -18.73
CA SER C 556 5.72 4.61 -17.39
C SER C 556 5.17 3.35 -16.70
N PRO C 557 5.06 3.37 -15.36
CA PRO C 557 4.54 2.24 -14.59
C PRO C 557 3.23 2.65 -13.92
N THR C 558 2.14 1.96 -14.25
CA THR C 558 0.85 2.29 -13.64
C THR C 558 0.66 1.53 -12.34
N SER C 559 0.28 2.28 -11.30
CA SER C 559 0.03 1.72 -9.97
C SER C 559 0.08 2.84 -8.96
N GLY C 560 0.42 2.48 -7.74
CA GLY C 560 0.56 3.44 -6.67
C GLY C 560 1.94 3.18 -6.12
N SER C 561 2.17 1.91 -5.79
CA SER C 561 3.43 1.44 -5.24
C SER C 561 3.35 -0.05 -4.88
N ALA C 562 3.47 -0.37 -3.59
CA ALA C 562 3.43 -1.76 -3.11
C ALA C 562 4.72 -2.48 -3.52
N VAL C 563 5.63 -2.69 -2.57
CA VAL C 563 6.92 -3.34 -2.82
C VAL C 563 6.85 -4.42 -3.92
N ILE C 564 7.77 -4.32 -4.87
CA ILE C 564 7.91 -5.19 -6.06
C ILE C 564 7.03 -4.65 -7.19
N GLU C 565 5.89 -4.08 -6.80
CA GLU C 565 4.98 -3.50 -7.78
C GLU C 565 5.60 -2.15 -8.12
N LYS C 566 6.64 -1.81 -7.36
CA LYS C 566 7.39 -0.58 -7.57
C LYS C 566 8.58 -0.97 -8.45
N VAL C 567 8.36 -1.99 -9.29
CA VAL C 567 9.38 -2.50 -10.21
C VAL C 567 10.80 -2.41 -9.65
N ILE C 568 11.12 -3.31 -8.72
CA ILE C 568 12.44 -3.35 -8.12
C ILE C 568 13.54 -3.49 -9.19
N PRO C 569 13.36 -4.37 -10.18
CA PRO C 569 14.36 -4.57 -11.22
C PRO C 569 14.91 -3.30 -11.87
N LEU C 570 14.03 -2.33 -12.14
CA LEU C 570 14.42 -1.08 -12.77
C LEU C 570 15.45 -0.31 -11.96
N GLY C 571 15.28 -0.32 -10.64
CA GLY C 571 16.20 0.39 -9.77
C GLY C 571 17.55 -0.28 -9.71
N VAL C 572 17.57 -1.60 -9.78
CA VAL C 572 18.82 -2.36 -9.74
C VAL C 572 19.66 -1.95 -10.94
N TYR C 573 19.04 -2.00 -12.11
CA TYR C 573 19.68 -1.63 -13.38
C TYR C 573 20.19 -0.18 -13.38
N ALA C 574 19.26 0.74 -13.13
CA ALA C 574 19.56 2.15 -13.11
C ALA C 574 20.67 2.53 -12.14
N SER C 575 20.72 1.86 -10.99
CA SER C 575 21.73 2.19 -10.00
C SER C 575 23.05 1.42 -10.10
N SER C 576 23.16 0.49 -11.06
CA SER C 576 24.40 -0.27 -11.18
C SER C 576 25.42 0.31 -12.17
N PRO C 577 26.65 0.57 -11.69
CA PRO C 577 27.66 1.11 -12.60
C PRO C 577 27.87 0.04 -13.68
N PRO C 578 28.20 0.44 -14.92
CA PRO C 578 28.43 1.77 -15.50
C PRO C 578 27.21 2.66 -15.64
N ASN C 579 26.02 2.19 -15.27
CA ASN C 579 24.82 3.01 -15.39
C ASN C 579 24.71 4.02 -14.26
N GLN C 580 23.97 5.09 -14.52
CA GLN C 580 23.74 6.16 -13.55
C GLN C 580 22.31 6.64 -13.72
N SER C 581 21.77 7.25 -12.68
CA SER C 581 20.40 7.73 -12.75
C SER C 581 20.23 9.07 -12.04
N ILE C 582 19.31 9.87 -12.57
CA ILE C 582 18.98 11.16 -12.00
C ILE C 582 17.57 10.95 -11.48
N ASN C 583 17.32 11.29 -10.23
CA ASN C 583 16.01 11.10 -9.65
C ASN C 583 15.19 12.38 -9.72
N ILE C 584 14.50 12.56 -10.83
CA ILE C 584 13.68 13.74 -11.04
C ILE C 584 12.35 13.67 -10.30
N ASP C 585 11.95 14.81 -9.72
CA ASP C 585 10.69 14.92 -8.99
C ASP C 585 10.22 16.35 -9.21
N ILE C 586 8.91 16.56 -9.23
CA ILE C 586 8.38 17.91 -9.42
C ILE C 586 7.61 18.31 -8.17
N SER C 587 8.03 19.39 -7.51
CA SER C 587 7.35 19.82 -6.30
C SER C 587 6.11 20.66 -6.58
N ALA C 588 5.11 20.51 -5.72
CA ALA C 588 3.85 21.25 -5.86
C ALA C 588 3.19 20.82 -7.17
N CYS C 589 3.37 19.57 -7.54
CA CYS C 589 2.82 19.04 -8.79
C CYS C 589 1.38 19.47 -9.04
N ASP C 590 0.47 19.07 -8.16
CA ASP C 590 -0.96 19.40 -8.30
C ASP C 590 -1.23 20.88 -8.43
N ALA C 591 -0.51 21.71 -7.67
CA ALA C 591 -0.73 23.15 -7.74
C ALA C 591 -0.09 23.74 -8.99
N SER C 592 0.73 22.95 -9.69
CA SER C 592 1.41 23.39 -10.90
C SER C 592 0.61 23.11 -12.17
N ILE C 593 -0.42 22.27 -12.05
CA ILE C 593 -1.26 21.95 -13.20
C ILE C 593 -2.51 22.84 -13.14
N THR C 594 -2.38 24.03 -13.70
CA THR C 594 -3.47 24.98 -13.68
C THR C 594 -3.90 25.35 -15.09
N TRP C 595 -4.96 26.12 -15.18
CA TRP C 595 -5.50 26.53 -16.47
C TRP C 595 -4.56 27.41 -17.30
N ASP C 596 -3.83 28.31 -16.64
CA ASP C 596 -2.92 29.23 -17.31
C ASP C 596 -1.94 28.68 -18.34
N PHE C 597 -1.44 27.47 -18.12
CA PHE C 597 -0.51 26.93 -19.09
C PHE C 597 -0.86 25.51 -19.54
N PHE C 598 -1.20 24.65 -18.57
CA PHE C 598 -1.51 23.27 -18.90
C PHE C 598 -2.96 22.96 -19.29
N LEU C 599 -3.88 23.05 -18.34
CA LEU C 599 -5.27 22.73 -18.61
C LEU C 599 -5.96 23.42 -19.79
N SER C 600 -5.69 24.70 -20.00
CA SER C 600 -6.34 25.40 -21.11
C SER C 600 -5.85 24.81 -22.43
N VAL C 601 -4.62 24.33 -22.41
CA VAL C 601 -4.02 23.74 -23.60
C VAL C 601 -4.53 22.32 -23.75
N ILE C 602 -4.47 21.55 -22.66
CA ILE C 602 -4.92 20.16 -22.70
C ILE C 602 -6.40 20.08 -23.09
N MET C 603 -7.23 20.88 -22.44
CA MET C 603 -8.65 20.89 -22.77
C MET C 603 -8.87 21.18 -24.26
N ALA C 604 -8.09 22.11 -24.79
CA ALA C 604 -8.21 22.49 -26.18
C ALA C 604 -7.82 21.36 -27.14
N ALA C 605 -6.64 20.79 -26.92
CA ALA C 605 -6.12 19.72 -27.78
C ALA C 605 -7.04 18.51 -27.84
N ILE C 606 -7.62 18.15 -26.71
CA ILE C 606 -8.54 17.02 -26.63
C ILE C 606 -9.84 17.37 -27.34
N HIS C 607 -10.39 18.53 -26.99
CA HIS C 607 -11.63 18.97 -27.59
C HIS C 607 -11.55 18.95 -29.12
N GLU C 608 -10.40 19.34 -29.67
CA GLU C 608 -10.21 19.38 -31.11
C GLU C 608 -9.77 18.05 -31.71
N GLY C 609 -8.72 17.45 -31.13
CA GLY C 609 -8.23 16.18 -31.64
C GLY C 609 -9.23 15.04 -31.59
N VAL C 610 -10.23 15.20 -30.74
CA VAL C 610 -11.27 14.20 -30.58
C VAL C 610 -12.44 14.40 -31.54
N ALA C 611 -12.50 15.58 -32.15
CA ALA C 611 -13.57 15.96 -33.06
C ALA C 611 -14.08 14.96 -34.11
N SER C 612 -13.30 14.73 -35.17
CA SER C 612 -13.71 13.85 -36.25
C SER C 612 -14.21 12.44 -35.94
N SER C 613 -13.67 11.80 -34.89
CA SER C 613 -14.08 10.43 -34.58
C SER C 613 -15.24 10.33 -33.60
N SER C 614 -15.47 11.37 -32.82
CA SER C 614 -16.53 11.38 -31.83
C SER C 614 -17.79 12.04 -32.38
N ILE C 615 -17.63 12.71 -33.52
CA ILE C 615 -18.72 13.46 -34.15
C ILE C 615 -20.09 12.76 -34.16
N GLY C 616 -21.15 13.55 -34.02
CA GLY C 616 -22.51 13.05 -34.01
C GLY C 616 -22.74 11.82 -33.14
N LYS C 617 -22.32 11.90 -31.88
CA LYS C 617 -22.47 10.79 -30.97
C LYS C 617 -22.33 11.17 -29.50
N PRO C 618 -23.14 10.54 -28.63
CA PRO C 618 -23.09 10.82 -27.20
C PRO C 618 -21.91 10.02 -26.66
N PHE C 619 -21.64 10.13 -25.36
CA PHE C 619 -20.55 9.36 -24.80
C PHE C 619 -20.75 9.19 -23.31
N MET C 620 -20.82 7.95 -22.86
CA MET C 620 -21.01 7.67 -21.45
C MET C 620 -22.21 8.39 -20.85
N GLY C 621 -23.28 8.51 -21.64
CA GLY C 621 -24.49 9.17 -21.17
C GLY C 621 -24.55 10.66 -21.43
N VAL C 622 -23.44 11.24 -21.88
CA VAL C 622 -23.36 12.67 -22.17
C VAL C 622 -23.77 12.95 -23.62
N PRO C 623 -24.77 13.81 -23.82
CA PRO C 623 -25.23 14.13 -25.18
C PRO C 623 -24.36 15.10 -25.95
N ALA C 624 -24.62 15.14 -27.26
CA ALA C 624 -23.94 16.06 -28.16
C ALA C 624 -24.70 17.36 -27.94
N SER C 625 -24.15 18.47 -28.40
CA SER C 625 -24.84 19.75 -28.24
C SER C 625 -24.27 20.82 -29.15
N ILE C 626 -24.69 22.06 -28.94
CA ILE C 626 -24.22 23.18 -29.74
C ILE C 626 -23.54 24.17 -28.81
N VAL C 627 -22.49 24.81 -29.29
CA VAL C 627 -21.78 25.79 -28.49
C VAL C 627 -21.41 26.99 -29.35
N ASN C 628 -21.23 28.15 -28.73
CA ASN C 628 -20.89 29.36 -29.46
C ASN C 628 -19.48 29.28 -30.03
N ASP C 629 -19.35 29.61 -31.31
CA ASP C 629 -18.05 29.56 -31.98
C ASP C 629 -17.57 30.97 -32.35
N GLU C 630 -16.34 31.29 -31.94
CA GLU C 630 -15.74 32.59 -32.21
C GLU C 630 -14.27 32.46 -32.59
N SER C 631 -13.88 31.27 -33.03
CA SER C 631 -12.50 31.00 -33.42
C SER C 631 -12.01 32.10 -34.35
N VAL C 632 -12.59 32.13 -35.53
CA VAL C 632 -12.25 33.11 -36.56
C VAL C 632 -12.65 34.52 -36.16
N VAL C 633 -11.91 35.51 -36.67
CA VAL C 633 -12.21 36.90 -36.36
C VAL C 633 -13.47 37.32 -37.12
N GLY C 634 -14.40 37.95 -36.43
CA GLY C 634 -15.65 38.38 -37.05
C GLY C 634 -16.64 37.23 -37.10
N VAL C 635 -16.32 36.22 -37.91
CA VAL C 635 -17.15 35.03 -38.07
C VAL C 635 -17.61 34.45 -36.74
N ARG C 636 -18.91 34.52 -36.47
CA ARG C 636 -19.46 33.98 -35.23
C ARG C 636 -20.69 33.12 -35.52
N ALA C 637 -20.52 31.80 -35.37
CA ALA C 637 -21.60 30.87 -35.62
C ALA C 637 -21.79 29.87 -34.48
N ALA C 638 -22.65 28.89 -34.72
CA ALA C 638 -22.90 27.86 -33.72
C ALA C 638 -22.15 26.64 -34.22
N ARG C 639 -21.63 25.84 -33.30
CA ARG C 639 -20.89 24.66 -33.69
C ARG C 639 -21.37 23.37 -33.03
N PRO C 640 -21.72 22.37 -33.85
CA PRO C 640 -22.17 21.10 -33.28
C PRO C 640 -20.95 20.37 -32.71
N ILE C 641 -21.05 19.94 -31.46
CA ILE C 641 -19.95 19.21 -30.85
C ILE C 641 -20.46 17.87 -30.33
N SER C 642 -19.56 16.91 -30.18
CA SER C 642 -19.96 15.58 -29.71
C SER C 642 -20.16 15.57 -28.19
N GLY C 643 -20.68 14.44 -27.69
CA GLY C 643 -20.89 14.33 -26.26
C GLY C 643 -19.54 14.36 -25.58
N MET C 644 -18.57 13.71 -26.22
CA MET C 644 -17.21 13.68 -25.71
C MET C 644 -16.72 15.11 -25.55
N GLN C 645 -17.01 15.93 -26.56
CA GLN C 645 -16.61 17.34 -26.55
C GLN C 645 -17.41 18.11 -25.53
N ASN C 646 -18.65 17.69 -25.32
CA ASN C 646 -19.52 18.35 -24.36
C ASN C 646 -18.86 18.19 -22.99
N MET C 647 -18.28 17.01 -22.75
CA MET C 647 -17.60 16.74 -21.47
C MET C 647 -16.46 17.72 -21.27
N ILE C 648 -15.56 17.80 -22.24
CA ILE C 648 -14.43 18.71 -22.14
C ILE C 648 -14.96 20.11 -21.90
N GLN C 649 -16.06 20.42 -22.58
CA GLN C 649 -16.71 21.71 -22.50
C GLN C 649 -17.08 21.97 -21.02
N HIS C 650 -17.75 21.03 -20.38
CA HIS C 650 -18.13 21.19 -18.97
C HIS C 650 -16.95 21.09 -18.00
N LEU C 651 -15.98 20.25 -18.32
CA LEU C 651 -14.82 20.07 -17.47
C LEU C 651 -13.99 21.34 -17.50
N SER C 652 -13.89 21.94 -18.69
CA SER C 652 -13.13 23.17 -18.89
C SER C 652 -13.72 24.29 -18.03
N LYS C 653 -15.04 24.28 -17.91
CA LYS C 653 -15.69 25.32 -17.12
C LYS C 653 -15.25 25.20 -15.66
N LEU C 654 -15.13 23.96 -15.18
CA LEU C 654 -14.71 23.72 -13.80
C LEU C 654 -13.21 24.02 -13.59
N TYR C 655 -12.36 23.52 -14.46
CA TYR C 655 -10.93 23.77 -14.33
C TYR C 655 -10.64 25.27 -14.36
N LYS C 656 -11.42 26.02 -15.15
CA LYS C 656 -11.21 27.46 -15.24
C LYS C 656 -11.59 28.18 -13.95
N ARG C 657 -12.78 27.89 -13.44
CA ARG C 657 -13.27 28.53 -12.22
C ARG C 657 -12.43 28.17 -11.00
N GLY C 658 -12.17 26.87 -10.83
CA GLY C 658 -11.40 26.41 -9.71
C GLY C 658 -12.31 25.51 -8.89
N PHE C 659 -11.80 24.96 -7.80
CA PHE C 659 -12.60 24.08 -6.94
C PHE C 659 -12.96 24.76 -5.63
N SER C 660 -14.24 24.69 -5.27
CA SER C 660 -14.72 25.26 -4.02
C SER C 660 -14.56 24.22 -2.93
N TYR C 661 -13.46 24.31 -2.19
CA TYR C 661 -13.20 23.35 -1.14
C TYR C 661 -13.90 23.75 0.15
N ARG C 662 -14.84 22.92 0.59
CA ARG C 662 -15.60 23.16 1.81
C ARG C 662 -14.84 22.59 3.01
N VAL C 663 -14.33 23.46 3.86
CA VAL C 663 -13.56 23.04 5.03
C VAL C 663 -14.29 23.10 6.37
N ASN C 664 -14.63 21.93 6.90
CA ASN C 664 -15.29 21.79 8.20
C ASN C 664 -14.27 21.12 9.11
N ASP C 665 -13.44 21.96 9.74
CA ASP C 665 -12.36 21.52 10.63
C ASP C 665 -12.85 21.14 12.04
N SER C 666 -13.14 19.86 12.26
CA SER C 666 -13.64 19.41 13.55
C SER C 666 -12.62 19.47 14.69
N PHE C 667 -11.37 19.77 14.37
CA PHE C 667 -10.35 19.89 15.39
C PHE C 667 -10.24 21.35 15.84
N SER C 668 -10.72 22.27 15.00
CA SER C 668 -10.68 23.70 15.32
C SER C 668 -12.10 24.28 15.38
N PRO C 669 -12.68 24.36 16.59
CA PRO C 669 -14.04 24.88 16.80
C PRO C 669 -14.30 26.19 16.06
N GLY C 670 -15.35 26.20 15.24
CA GLY C 670 -15.69 27.40 14.51
C GLY C 670 -14.88 27.65 13.26
N ASN C 671 -14.12 26.68 12.79
CA ASN C 671 -13.36 26.89 11.55
C ASN C 671 -14.09 26.27 10.38
N ASP C 672 -15.15 26.94 9.96
CA ASP C 672 -15.97 26.49 8.83
C ASP C 672 -15.84 27.55 7.75
N PHE C 673 -15.26 27.16 6.61
CA PHE C 673 -15.10 28.09 5.51
C PHE C 673 -14.96 27.35 4.19
N THR C 674 -15.28 28.05 3.10
CA THR C 674 -15.18 27.49 1.78
C THR C 674 -14.02 28.21 1.12
N HIS C 675 -13.03 27.45 0.74
CA HIS C 675 -11.83 27.99 0.13
C HIS C 675 -11.80 27.67 -1.35
N MET C 676 -11.63 28.71 -2.17
CA MET C 676 -11.57 28.52 -3.60
C MET C 676 -10.10 28.32 -3.94
N THR C 677 -9.81 27.35 -4.81
CA THR C 677 -8.42 27.10 -5.19
C THR C 677 -8.29 26.64 -6.63
N THR C 678 -7.12 26.90 -7.21
CA THR C 678 -6.85 26.51 -8.59
C THR C 678 -5.93 25.29 -8.65
N THR C 679 -5.65 24.71 -7.49
CA THR C 679 -4.80 23.53 -7.43
C THR C 679 -5.56 22.36 -8.03
N PHE C 680 -4.84 21.48 -8.72
CA PHE C 680 -5.46 20.33 -9.35
C PHE C 680 -5.96 19.31 -8.32
N PRO C 681 -7.13 18.71 -8.57
CA PRO C 681 -7.78 17.70 -7.71
C PRO C 681 -7.01 16.40 -7.63
N SER C 682 -6.96 15.81 -6.44
CA SER C 682 -6.27 14.54 -6.27
C SER C 682 -7.25 13.38 -6.43
N GLY C 683 -8.43 13.51 -5.84
CA GLY C 683 -9.41 12.46 -5.97
C GLY C 683 -9.98 12.21 -7.36
N SER C 684 -9.49 12.93 -8.37
CA SER C 684 -9.98 12.75 -9.74
C SER C 684 -9.42 11.51 -10.43
N THR C 685 -10.23 10.85 -11.26
CA THR C 685 -9.71 9.67 -11.96
C THR C 685 -8.62 10.07 -12.94
N ALA C 686 -8.51 11.36 -13.22
CA ALA C 686 -7.51 11.80 -14.19
C ALA C 686 -6.16 12.08 -13.58
N THR C 687 -6.17 12.51 -12.33
CA THR C 687 -4.96 12.90 -11.62
C THR C 687 -3.67 12.16 -11.96
N SER C 688 -3.51 10.95 -11.43
CA SER C 688 -2.28 10.19 -11.65
C SER C 688 -1.85 10.06 -13.11
N THR C 689 -2.73 9.50 -13.93
CA THR C 689 -2.39 9.30 -15.34
C THR C 689 -2.07 10.63 -16.05
N GLU C 690 -2.81 11.68 -15.70
CA GLU C 690 -2.64 13.01 -16.28
C GLU C 690 -1.24 13.56 -16.04
N HIS C 691 -0.84 13.56 -14.78
CA HIS C 691 0.46 14.05 -14.39
C HIS C 691 1.59 13.22 -15.01
N THR C 692 1.34 11.93 -15.18
CA THR C 692 2.36 11.07 -15.78
C THR C 692 2.56 11.50 -17.22
N ALA C 693 1.45 11.76 -17.89
CA ALA C 693 1.48 12.15 -19.28
C ALA C 693 2.20 13.47 -19.50
N ASN C 694 1.91 14.47 -18.67
CA ASN C 694 2.58 15.76 -18.83
C ASN C 694 4.06 15.63 -18.49
N ASN C 695 4.36 14.84 -17.46
CA ASN C 695 5.74 14.62 -17.06
C ASN C 695 6.57 14.22 -18.29
N SER C 696 6.23 13.08 -18.89
CA SER C 696 6.96 12.61 -20.07
C SER C 696 6.91 13.57 -21.25
N THR C 697 5.76 14.18 -21.48
CA THR C 697 5.60 15.12 -22.59
C THR C 697 6.58 16.30 -22.50
N MET C 698 6.71 16.88 -21.31
CA MET C 698 7.61 18.00 -21.16
C MET C 698 9.06 17.57 -21.24
N MET C 699 9.37 16.40 -20.69
CA MET C 699 10.73 15.86 -20.70
C MET C 699 11.12 15.54 -22.14
N GLU C 700 10.13 15.11 -22.91
CA GLU C 700 10.35 14.80 -24.32
C GLU C 700 10.65 16.13 -25.04
N THR C 701 9.82 17.13 -24.79
CA THR C 701 9.99 18.43 -25.42
C THR C 701 11.35 19.04 -25.07
N PHE C 702 11.81 18.81 -23.84
CA PHE C 702 13.09 19.33 -23.41
C PHE C 702 14.21 18.67 -24.23
N LEU C 703 14.23 17.34 -24.22
CA LEU C 703 15.25 16.57 -24.93
C LEU C 703 15.24 16.74 -26.45
N THR C 704 14.07 17.03 -26.99
CA THR C 704 13.91 17.17 -28.43
C THR C 704 14.02 18.60 -28.95
N VAL C 705 13.55 19.57 -28.17
CA VAL C 705 13.54 20.95 -28.63
C VAL C 705 14.33 21.93 -27.79
N TRP C 706 13.77 22.28 -26.63
CA TRP C 706 14.36 23.24 -25.73
C TRP C 706 15.86 23.01 -25.50
N GLY C 707 16.18 21.91 -24.81
CA GLY C 707 17.58 21.61 -24.54
C GLY C 707 18.48 22.00 -25.70
N PRO C 708 18.43 21.26 -26.81
CA PRO C 708 19.23 21.51 -28.02
C PRO C 708 19.31 22.99 -28.42
N GLU C 709 18.19 23.69 -28.30
CA GLU C 709 18.13 25.10 -28.64
C GLU C 709 18.71 26.04 -27.60
N HIS C 710 19.13 25.50 -26.45
CA HIS C 710 19.65 26.37 -25.40
C HIS C 710 21.08 26.11 -24.98
N THR C 711 21.83 25.44 -25.84
CA THR C 711 23.22 25.15 -25.57
C THR C 711 23.88 24.65 -26.84
N ASP C 712 25.18 24.89 -26.95
CA ASP C 712 25.95 24.46 -28.11
C ASP C 712 27.09 23.55 -27.63
N ASP C 713 27.04 23.24 -26.33
CA ASP C 713 28.01 22.37 -25.68
C ASP C 713 27.86 20.98 -26.28
N PRO C 714 28.85 20.55 -27.08
CA PRO C 714 28.86 19.24 -27.76
C PRO C 714 28.58 18.02 -26.90
N ASP C 715 29.10 17.98 -25.69
CA ASP C 715 28.85 16.81 -24.85
C ASP C 715 27.40 16.78 -24.40
N VAL C 716 26.89 17.92 -23.95
CA VAL C 716 25.51 17.99 -23.51
C VAL C 716 24.61 17.69 -24.70
N LEU C 717 24.92 18.27 -25.85
CA LEU C 717 24.12 18.01 -27.04
C LEU C 717 24.15 16.53 -27.39
N ARG C 718 25.29 15.90 -27.14
CA ARG C 718 25.43 14.48 -27.45
C ARG C 718 24.67 13.67 -26.42
N LEU C 719 24.79 14.06 -25.16
CA LEU C 719 24.11 13.36 -24.08
C LEU C 719 22.60 13.39 -24.27
N MET C 720 22.04 14.59 -24.45
CA MET C 720 20.60 14.74 -24.65
C MET C 720 20.14 13.95 -25.86
N LYS C 721 20.94 13.97 -26.92
CA LYS C 721 20.54 13.26 -28.12
C LYS C 721 20.42 11.75 -27.88
N SER C 722 21.23 11.21 -26.97
CA SER C 722 21.21 9.78 -26.68
C SER C 722 20.13 9.40 -25.69
N LEU C 723 19.33 10.37 -25.24
CA LEU C 723 18.27 10.07 -24.30
C LEU C 723 16.91 10.17 -24.95
N THR C 724 16.02 9.23 -24.63
CA THR C 724 14.70 9.23 -25.22
C THR C 724 13.68 8.93 -24.15
N ILE C 725 12.52 9.57 -24.22
CA ILE C 725 11.51 9.32 -23.19
C ILE C 725 10.93 7.93 -23.36
N GLN C 726 11.29 7.26 -24.43
CA GLN C 726 10.79 5.91 -24.67
C GLN C 726 11.77 4.83 -24.19
N ARG C 727 13.03 5.23 -23.99
CA ARG C 727 14.05 4.29 -23.57
C ARG C 727 14.78 4.64 -22.28
N ASN C 728 14.92 5.93 -22.00
CA ASN C 728 15.68 6.36 -20.83
C ASN C 728 14.96 7.11 -19.73
N TYR C 729 13.65 7.31 -19.85
CA TYR C 729 12.92 8.05 -18.82
C TYR C 729 11.65 7.35 -18.37
N VAL C 730 11.64 6.90 -17.13
CA VAL C 730 10.47 6.22 -16.57
C VAL C 730 9.82 7.13 -15.57
N CYS C 731 8.51 7.27 -15.65
CA CYS C 731 7.83 8.14 -14.71
C CYS C 731 6.45 7.67 -14.35
N GLN C 732 5.97 8.13 -13.19
CA GLN C 732 4.64 7.85 -12.68
C GLN C 732 4.24 9.10 -11.89
N GLY C 733 3.14 9.73 -12.29
CA GLY C 733 2.73 10.93 -11.60
C GLY C 733 3.82 11.96 -11.78
N ASP C 734 4.37 12.45 -10.68
CA ASP C 734 5.42 13.46 -10.75
C ASP C 734 6.79 12.90 -10.40
N ASP C 735 6.93 11.58 -10.41
CA ASP C 735 8.22 10.98 -10.13
C ASP C 735 8.89 10.55 -11.41
N GLY C 736 10.19 10.81 -11.52
CA GLY C 736 10.91 10.45 -12.72
C GLY C 736 12.29 9.90 -12.47
N LEU C 737 12.69 8.97 -13.31
CA LEU C 737 13.98 8.33 -13.20
C LEU C 737 14.67 8.39 -14.57
N MET C 738 15.67 9.26 -14.70
CA MET C 738 16.41 9.39 -15.94
C MET C 738 17.58 8.41 -15.88
N ILE C 739 17.48 7.33 -16.65
CA ILE C 739 18.50 6.30 -16.69
C ILE C 739 19.54 6.48 -17.79
N ILE C 740 20.75 6.84 -17.39
CA ILE C 740 21.83 7.02 -18.36
C ILE C 740 22.67 5.75 -18.43
N ASP C 741 22.39 4.93 -19.43
CA ASP C 741 23.14 3.69 -19.60
C ASP C 741 24.62 4.01 -19.69
N GLY C 742 25.45 3.05 -19.32
CA GLY C 742 26.89 3.26 -19.36
C GLY C 742 27.52 2.54 -20.54
N THR C 743 28.74 2.93 -20.89
CA THR C 743 29.46 2.32 -22.01
C THR C 743 30.60 1.47 -21.45
N THR C 744 31.49 0.98 -22.33
CA THR C 744 32.63 0.18 -21.91
C THR C 744 33.69 1.17 -21.41
N ALA C 745 33.60 2.41 -21.89
CA ALA C 745 34.50 3.48 -21.50
C ALA C 745 34.13 3.95 -20.09
N GLY C 746 33.22 3.20 -19.46
CA GLY C 746 32.76 3.53 -18.12
C GLY C 746 31.41 4.22 -18.16
N LYS C 747 31.25 5.23 -17.31
CA LYS C 747 30.00 5.99 -17.24
C LYS C 747 30.17 7.38 -17.85
N VAL C 748 29.06 8.00 -18.26
CA VAL C 748 29.09 9.33 -18.86
C VAL C 748 29.60 10.41 -17.89
N ASN C 749 30.37 11.36 -18.42
CA ASN C 749 30.94 12.45 -17.62
C ASN C 749 29.94 13.13 -16.70
N SER C 750 30.32 13.28 -15.44
CA SER C 750 29.50 13.90 -14.41
C SER C 750 29.25 15.38 -14.65
N GLU C 751 30.24 16.07 -15.21
CA GLU C 751 30.12 17.49 -15.49
C GLU C 751 29.11 17.74 -16.63
N THR C 752 29.14 16.90 -17.65
CA THR C 752 28.22 17.03 -18.77
C THR C 752 26.81 16.78 -18.24
N ILE C 753 26.66 15.80 -17.35
CA ILE C 753 25.36 15.50 -16.77
C ILE C 753 24.88 16.70 -15.97
N GLN C 754 25.77 17.27 -15.17
CA GLN C 754 25.42 18.43 -14.36
C GLN C 754 24.93 19.59 -15.22
N ASN C 755 25.46 19.71 -16.43
CA ASN C 755 25.04 20.77 -17.34
C ASN C 755 23.62 20.52 -17.81
N ASP C 756 23.35 19.28 -18.21
CA ASP C 756 22.03 18.87 -18.69
C ASP C 756 21.00 19.16 -17.62
N LEU C 757 21.27 18.74 -16.39
CA LEU C 757 20.34 18.96 -15.29
C LEU C 757 20.00 20.42 -15.03
N GLU C 758 21.02 21.27 -15.04
CA GLU C 758 20.80 22.70 -14.78
C GLU C 758 19.88 23.30 -15.83
N LEU C 759 19.97 22.79 -17.06
CA LEU C 759 19.14 23.26 -18.16
C LEU C 759 17.71 22.79 -17.97
N ILE C 760 17.55 21.57 -17.45
CA ILE C 760 16.22 21.02 -17.20
C ILE C 760 15.55 21.92 -16.17
N SER C 761 16.29 22.20 -15.10
CA SER C 761 15.81 23.05 -14.01
C SER C 761 15.34 24.40 -14.54
N LYS C 762 16.19 25.07 -15.31
CA LYS C 762 15.85 26.37 -15.87
C LYS C 762 14.66 26.25 -16.80
N TYR C 763 14.59 25.13 -17.50
CA TYR C 763 13.52 24.85 -18.43
C TYR C 763 12.13 24.86 -17.80
N GLY C 764 11.97 24.20 -16.65
CA GLY C 764 10.68 24.13 -15.98
C GLY C 764 10.12 25.43 -15.42
N GLU C 765 11.00 26.38 -15.12
CA GLU C 765 10.60 27.67 -14.58
C GLU C 765 9.72 28.37 -15.60
N GLU C 766 9.89 27.99 -16.86
CA GLU C 766 9.14 28.60 -17.94
C GLU C 766 7.65 28.27 -17.95
N PHE C 767 7.25 27.21 -17.27
CA PHE C 767 5.84 26.85 -17.24
C PHE C 767 5.32 26.47 -15.86
N GLY C 768 5.97 27.03 -14.84
CA GLY C 768 5.56 26.81 -13.46
C GLY C 768 5.95 25.51 -12.77
N TRP C 769 6.95 24.81 -13.27
CA TRP C 769 7.39 23.56 -12.65
C TRP C 769 8.76 23.70 -12.00
N LYS C 770 8.81 23.39 -10.72
CA LYS C 770 10.07 23.44 -9.97
C LYS C 770 10.56 22.00 -9.87
N TYR C 771 11.53 21.66 -10.71
CA TYR C 771 12.07 20.32 -10.72
C TYR C 771 12.93 20.06 -9.51
N ASP C 772 12.66 18.95 -8.84
CA ASP C 772 13.44 18.54 -7.70
C ASP C 772 14.30 17.43 -8.29
N ILE C 773 15.46 17.84 -8.81
CA ILE C 773 16.40 16.90 -9.44
C ILE C 773 17.43 16.47 -8.42
N ALA C 774 17.84 15.21 -8.49
CA ALA C 774 18.85 14.70 -7.59
C ALA C 774 19.85 13.81 -8.30
N TYR C 775 21.12 14.21 -8.27
CA TYR C 775 22.19 13.46 -8.89
C TYR C 775 23.15 13.20 -7.73
N ASP C 776 23.11 11.97 -7.21
CA ASP C 776 23.93 11.59 -6.04
C ASP C 776 24.49 10.16 -6.07
N GLY C 777 24.48 9.50 -7.22
CA GLY C 777 25.00 8.15 -7.31
C GLY C 777 23.99 7.12 -6.81
N THR C 778 22.77 7.59 -6.61
CA THR C 778 21.68 6.76 -6.09
C THR C 778 20.48 6.76 -7.02
N ALA C 779 19.58 5.80 -6.82
CA ALA C 779 18.37 5.71 -7.62
C ALA C 779 17.20 5.70 -6.63
N GLU C 780 16.25 6.60 -6.82
CA GLU C 780 15.11 6.69 -5.95
C GLU C 780 13.87 6.90 -6.82
N TYR C 781 12.97 5.93 -6.76
CA TYR C 781 11.76 5.94 -7.55
C TYR C 781 10.61 5.33 -6.75
N LEU C 782 9.51 6.07 -6.63
CA LEU C 782 8.34 5.58 -5.89
C LEU C 782 8.67 5.08 -4.47
N LYS C 783 9.45 5.88 -3.74
CA LYS C 783 9.84 5.56 -2.36
C LYS C 783 10.61 4.24 -2.22
N LEU C 784 11.32 3.88 -3.26
CA LEU C 784 12.16 2.68 -3.27
C LEU C 784 13.56 3.24 -3.46
N TYR C 785 14.51 2.81 -2.63
CA TYR C 785 15.88 3.33 -2.68
C TYR C 785 16.90 2.33 -3.21
N PHE C 786 17.78 2.81 -4.07
CA PHE C 786 18.79 1.96 -4.71
C PHE C 786 20.19 2.56 -4.79
N ILE C 787 21.20 1.73 -4.54
CA ILE C 787 22.59 2.15 -4.66
C ILE C 787 23.45 0.99 -5.19
N PHE C 788 24.16 1.23 -6.28
CA PHE C 788 25.02 0.22 -6.88
C PHE C 788 24.30 -1.09 -7.08
N GLY C 789 23.06 -1.00 -7.55
CA GLY C 789 22.29 -2.18 -7.81
C GLY C 789 21.71 -2.87 -6.59
N CYS C 790 21.85 -2.25 -5.42
CA CYS C 790 21.31 -2.85 -4.19
C CYS C 790 20.14 -2.05 -3.62
N ARG C 791 19.05 -2.76 -3.35
CA ARG C 791 17.89 -2.10 -2.79
C ARG C 791 18.10 -1.87 -1.29
N ILE C 792 17.76 -0.66 -0.85
CA ILE C 792 17.90 -0.27 0.54
C ILE C 792 16.53 -0.06 1.17
N PRO C 793 15.99 -1.09 1.84
CA PRO C 793 14.67 -0.91 2.47
C PRO C 793 14.73 0.27 3.45
N ASN C 794 13.65 1.04 3.52
CA ASN C 794 13.58 2.18 4.43
C ASN C 794 12.62 1.79 5.57
N LEU C 795 13.17 1.30 6.68
CA LEU C 795 12.36 0.84 7.80
C LEU C 795 11.59 1.98 8.49
N SER C 796 12.08 3.20 8.31
CA SER C 796 11.50 4.42 8.85
C SER C 796 10.07 4.68 8.41
N ARG C 797 9.80 4.37 7.15
CA ARG C 797 8.49 4.59 6.57
C ARG C 797 7.49 3.50 6.92
N HIS C 798 7.92 2.49 7.66
CA HIS C 798 7.02 1.40 8.03
C HIS C 798 6.90 1.28 9.55
N PRO C 799 6.47 2.37 10.21
CA PRO C 799 6.31 2.41 11.66
C PRO C 799 5.55 1.19 12.17
N ILE C 800 6.19 0.45 13.06
CA ILE C 800 5.57 -0.74 13.62
C ILE C 800 4.34 -0.39 14.44
N VAL C 801 4.43 0.67 15.23
CA VAL C 801 3.31 1.06 16.08
C VAL C 801 2.43 2.13 15.46
N GLY C 802 2.89 2.68 14.34
CA GLY C 802 2.14 3.74 13.71
C GLY C 802 0.94 3.41 12.86
N LYS C 803 0.00 4.34 12.83
CA LYS C 803 -1.19 4.19 12.00
C LYS C 803 -1.81 5.55 11.74
N GLU C 804 -1.96 5.89 10.47
CA GLU C 804 -2.57 7.16 10.12
C GLU C 804 -4.03 7.19 10.58
N ARG C 805 -4.44 8.34 11.12
CA ARG C 805 -5.82 8.55 11.56
C ARG C 805 -6.12 10.02 11.30
N ALA C 806 -6.72 10.32 10.17
CA ALA C 806 -7.04 11.70 9.86
C ALA C 806 -8.26 12.17 10.64
N ASN C 807 -9.36 11.43 10.51
CA ASN C 807 -10.61 11.73 11.18
C ASN C 807 -10.59 11.52 12.70
N SER C 808 -11.72 11.83 13.32
CA SER C 808 -11.88 11.69 14.76
C SER C 808 -12.52 10.35 15.11
N SER C 809 -13.20 9.75 14.13
CA SER C 809 -13.87 8.47 14.35
C SER C 809 -12.98 7.48 15.11
N ALA C 810 -13.62 6.63 15.92
CA ALA C 810 -12.89 5.66 16.72
C ALA C 810 -12.32 4.54 15.86
N GLU C 811 -11.32 3.85 16.39
CA GLU C 811 -10.69 2.75 15.67
C GLU C 811 -11.68 1.60 15.54
N GLU C 812 -11.48 0.76 14.53
CA GLU C 812 -12.36 -0.39 14.31
C GLU C 812 -12.32 -1.35 15.49
N PRO C 813 -13.46 -2.01 15.79
CA PRO C 813 -13.57 -2.96 16.91
C PRO C 813 -12.51 -4.06 16.84
N TRP C 814 -12.02 -4.44 18.02
CA TRP C 814 -10.97 -5.45 18.17
C TRP C 814 -10.51 -6.25 16.97
N PRO C 815 -11.21 -7.36 16.65
CA PRO C 815 -10.79 -8.19 15.52
C PRO C 815 -9.90 -7.48 14.50
N ALA C 816 -10.37 -6.34 13.98
CA ALA C 816 -9.64 -5.57 12.97
C ALA C 816 -8.13 -5.43 13.19
N ILE C 817 -7.72 -5.22 14.42
CA ILE C 817 -6.32 -5.03 14.75
C ILE C 817 -5.42 -6.17 14.28
N LEU C 818 -5.96 -7.39 14.26
CA LEU C 818 -5.17 -8.54 13.86
C LEU C 818 -4.66 -8.43 12.42
N ASP C 819 -5.49 -7.91 11.50
CA ASP C 819 -5.03 -7.78 10.13
C ASP C 819 -3.85 -6.81 10.08
N GLN C 820 -3.89 -5.78 10.93
CA GLN C 820 -2.83 -4.78 11.00
C GLN C 820 -1.56 -5.39 11.56
N ILE C 821 -1.70 -6.26 12.55
CA ILE C 821 -0.54 -6.90 13.15
C ILE C 821 0.08 -7.83 12.12
N MET C 822 -0.75 -8.50 11.33
CA MET C 822 -0.23 -9.39 10.29
C MET C 822 0.50 -8.57 9.24
N GLY C 823 -0.04 -7.39 8.95
CA GLY C 823 0.58 -6.50 7.98
C GLY C 823 1.94 -6.05 8.48
N VAL C 824 2.06 -5.86 9.80
CA VAL C 824 3.32 -5.47 10.40
C VAL C 824 4.31 -6.62 10.22
N PHE C 825 3.83 -7.86 10.35
CA PHE C 825 4.70 -9.01 10.16
C PHE C 825 5.17 -9.07 8.70
N PHE C 826 4.22 -8.97 7.76
CA PHE C 826 4.55 -9.04 6.35
C PHE C 826 5.51 -7.94 5.90
N ASN C 827 5.42 -6.76 6.52
CA ASN C 827 6.34 -5.68 6.17
C ASN C 827 7.76 -6.07 6.57
N GLY C 828 7.90 -6.71 7.72
CA GLY C 828 9.21 -7.13 8.17
C GLY C 828 9.83 -8.14 7.21
N VAL C 829 8.98 -8.97 6.62
CA VAL C 829 9.45 -9.97 5.67
C VAL C 829 9.94 -9.27 4.40
N HIS C 830 9.23 -8.23 3.97
CA HIS C 830 9.61 -7.49 2.78
C HIS C 830 10.77 -6.55 3.05
N ASP C 831 10.90 -6.11 4.30
CA ASP C 831 11.98 -5.19 4.67
C ASP C 831 13.24 -5.94 5.04
N GLY C 832 13.13 -7.27 5.06
CA GLY C 832 14.27 -8.12 5.37
C GLY C 832 14.86 -8.09 6.77
N LEU C 833 14.01 -8.07 7.80
CA LEU C 833 14.53 -8.09 9.17
C LEU C 833 15.16 -9.45 9.46
N GLN C 834 15.77 -9.61 10.64
CA GLN C 834 16.39 -10.88 11.01
C GLN C 834 15.26 -11.89 11.21
N TRP C 835 15.10 -12.81 10.26
CA TRP C 835 13.97 -13.73 10.31
C TRP C 835 13.62 -14.34 11.66
N GLN C 836 14.58 -14.95 12.37
CA GLN C 836 14.22 -15.52 13.65
C GLN C 836 13.74 -14.48 14.66
N ARG C 837 14.53 -13.45 14.90
CA ARG C 837 14.14 -12.43 15.86
C ARG C 837 12.76 -11.89 15.51
N TRP C 838 12.54 -11.64 14.22
CA TRP C 838 11.26 -11.10 13.74
C TRP C 838 10.08 -12.06 13.92
N ILE C 839 10.30 -13.33 13.58
CA ILE C 839 9.26 -14.32 13.70
C ILE C 839 8.89 -14.50 15.16
N ARG C 840 9.88 -14.60 16.04
CA ARG C 840 9.61 -14.78 17.46
C ARG C 840 8.82 -13.59 18.02
N TYR C 841 9.27 -12.39 17.69
CA TYR C 841 8.59 -11.19 18.16
C TYR C 841 7.14 -11.17 17.65
N SER C 842 6.94 -11.53 16.39
CA SER C 842 5.61 -11.54 15.79
C SER C 842 4.68 -12.50 16.52
N TRP C 843 5.22 -13.62 16.98
CA TRP C 843 4.40 -14.59 17.72
C TRP C 843 3.99 -13.96 19.04
N ALA C 844 4.90 -13.20 19.65
CA ALA C 844 4.61 -12.53 20.91
C ALA C 844 3.53 -11.46 20.70
N LEU C 845 3.72 -10.64 19.66
CA LEU C 845 2.78 -9.58 19.34
C LEU C 845 1.42 -10.18 19.07
N CYS C 846 1.38 -11.18 18.18
CA CYS C 846 0.13 -11.85 17.83
C CYS C 846 -0.58 -12.38 19.06
N CYS C 847 0.17 -13.10 19.88
CA CYS C 847 -0.38 -13.66 21.09
C CYS C 847 -1.01 -12.54 21.94
N ALA C 848 -0.32 -11.40 22.01
CA ALA C 848 -0.78 -10.27 22.80
C ALA C 848 -1.99 -9.53 22.27
N PHE C 849 -2.52 -9.97 21.13
CA PHE C 849 -3.70 -9.34 20.54
C PHE C 849 -4.74 -10.38 20.17
N SER C 850 -4.43 -11.64 20.48
CA SER C 850 -5.29 -12.79 20.15
C SER C 850 -6.49 -13.03 21.07
N ARG C 851 -6.66 -12.20 22.08
CA ARG C 851 -7.73 -12.39 23.03
C ARG C 851 -8.51 -11.11 23.28
N GLN C 852 -9.84 -11.21 23.32
CA GLN C 852 -10.69 -10.05 23.56
C GLN C 852 -11.84 -10.36 24.49
N ARG C 853 -12.15 -9.43 25.38
CA ARG C 853 -13.26 -9.59 26.32
C ARG C 853 -14.56 -9.30 25.58
N THR C 854 -15.52 -10.21 25.67
CA THR C 854 -16.80 -10.03 24.99
C THR C 854 -17.98 -9.89 25.94
N MET C 855 -19.01 -9.19 25.48
CA MET C 855 -20.21 -8.95 26.26
C MET C 855 -21.47 -9.33 25.48
N ILE C 856 -22.40 -9.97 26.19
CA ILE C 856 -23.67 -10.39 25.59
C ILE C 856 -24.80 -10.05 26.57
N GLY C 857 -24.46 -9.26 27.59
CA GLY C 857 -25.42 -8.87 28.61
C GLY C 857 -25.06 -9.57 29.90
N GLU C 858 -23.99 -9.10 30.54
CA GLU C 858 -23.46 -9.69 31.77
C GLU C 858 -22.87 -11.05 31.41
N SER C 859 -23.03 -11.42 30.14
CA SER C 859 -22.51 -12.67 29.61
C SER C 859 -21.05 -12.42 29.27
N VAL C 860 -20.24 -12.20 30.30
CA VAL C 860 -18.82 -11.93 30.13
C VAL C 860 -18.01 -13.18 29.78
N GLY C 861 -17.72 -13.33 28.48
CA GLY C 861 -16.93 -14.45 28.03
C GLY C 861 -15.65 -13.89 27.42
N TYR C 862 -14.93 -14.73 26.69
CA TYR C 862 -13.69 -14.30 26.06
C TYR C 862 -13.48 -14.92 24.70
N LEU C 863 -13.09 -14.09 23.75
CA LEU C 863 -12.81 -14.54 22.40
C LEU C 863 -11.31 -14.81 22.31
N GLN C 864 -10.97 -16.02 21.92
CA GLN C 864 -9.58 -16.41 21.84
C GLN C 864 -9.28 -17.06 20.50
N TYR C 865 -8.27 -16.54 19.80
CA TYR C 865 -7.86 -17.14 18.53
C TYR C 865 -6.73 -18.13 18.82
N PRO C 866 -6.87 -19.38 18.36
CA PRO C 866 -5.81 -20.37 18.61
C PRO C 866 -4.55 -19.94 17.86
N MET C 867 -3.39 -20.44 18.28
CA MET C 867 -2.14 -20.09 17.60
C MET C 867 -2.25 -20.46 16.11
N TRP C 868 -2.95 -21.56 15.85
CA TRP C 868 -3.13 -22.07 14.51
C TRP C 868 -3.80 -21.10 13.52
N SER C 869 -4.52 -20.10 14.03
CA SER C 869 -5.16 -19.14 13.13
C SER C 869 -4.09 -18.26 12.49
N PHE C 870 -3.06 -17.94 13.27
CA PHE C 870 -1.97 -17.11 12.78
C PHE C 870 -1.17 -17.87 11.74
N VAL C 871 -1.02 -19.18 11.93
CA VAL C 871 -0.28 -19.96 10.94
C VAL C 871 -1.06 -19.83 9.64
N TYR C 872 -2.37 -20.05 9.71
CA TYR C 872 -3.22 -19.93 8.54
C TYR C 872 -3.03 -18.58 7.86
N TRP C 873 -2.91 -17.51 8.66
CA TRP C 873 -2.72 -16.17 8.12
C TRP C 873 -1.33 -15.93 7.53
N GLY C 874 -0.40 -16.83 7.81
CA GLY C 874 0.94 -16.68 7.24
C GLY C 874 2.12 -16.72 8.20
N LEU C 875 1.84 -16.77 9.51
CA LEU C 875 2.92 -16.79 10.50
C LEU C 875 3.48 -18.20 10.68
N PRO C 876 4.76 -18.39 10.31
CA PRO C 876 5.39 -19.70 10.42
C PRO C 876 5.63 -20.20 11.83
N LEU C 877 5.47 -21.50 12.01
CA LEU C 877 5.69 -22.16 13.29
C LEU C 877 7.18 -22.13 13.58
N VAL C 878 7.52 -22.04 14.86
CA VAL C 878 8.92 -22.04 15.26
C VAL C 878 9.33 -23.48 15.49
N LYS C 879 8.49 -24.23 16.18
CA LYS C 879 8.77 -25.63 16.48
C LYS C 879 7.50 -26.30 16.97
N ALA C 880 7.17 -27.43 16.34
CA ALA C 880 5.95 -28.17 16.68
C ALA C 880 6.11 -29.68 16.44
N PHE C 881 5.29 -30.45 17.16
CA PHE C 881 5.23 -31.92 17.06
C PHE C 881 6.57 -32.64 17.22
N GLY C 882 7.45 -32.08 18.04
CA GLY C 882 8.75 -32.71 18.26
C GLY C 882 9.72 -32.49 17.12
N SER C 883 9.49 -31.47 16.29
CA SER C 883 10.38 -31.21 15.16
C SER C 883 11.59 -30.39 15.59
N ASP C 884 12.52 -30.19 14.66
CA ASP C 884 13.68 -29.39 14.99
C ASP C 884 13.16 -27.96 14.99
N PRO C 885 13.88 -27.04 15.65
CA PRO C 885 13.42 -25.66 15.67
C PRO C 885 13.82 -24.87 14.42
N TRP C 886 13.00 -23.87 14.10
CA TRP C 886 13.22 -22.97 12.97
C TRP C 886 13.34 -23.61 11.60
N ILE C 887 12.58 -24.67 11.38
CA ILE C 887 12.61 -25.33 10.10
C ILE C 887 11.66 -24.65 9.13
N PHE C 888 10.78 -23.80 9.63
CA PHE C 888 9.82 -23.11 8.76
C PHE C 888 10.22 -21.66 8.46
N SER C 889 10.25 -21.33 7.17
CA SER C 889 10.61 -19.99 6.69
C SER C 889 9.39 -19.09 6.62
N TRP C 890 9.61 -17.78 6.68
CA TRP C 890 8.48 -16.87 6.57
C TRP C 890 7.94 -16.81 5.15
N TYR C 891 8.55 -17.56 4.22
CA TYR C 891 8.03 -17.56 2.86
C TYR C 891 6.98 -18.66 2.76
N MET C 892 6.58 -19.22 3.90
CA MET C 892 5.55 -20.24 3.92
C MET C 892 4.30 -19.58 3.35
N PRO C 893 3.62 -20.23 2.39
CA PRO C 893 2.41 -19.62 1.82
C PRO C 893 1.33 -19.32 2.86
N THR C 894 0.26 -18.71 2.40
CA THR C 894 -0.87 -18.36 3.24
C THR C 894 -1.98 -19.39 3.00
N GLY C 895 -2.96 -19.45 3.89
CA GLY C 895 -4.07 -20.38 3.74
C GLY C 895 -3.80 -21.86 3.51
N ASP C 896 -4.71 -22.52 2.79
CA ASP C 896 -4.54 -23.95 2.54
C ASP C 896 -3.18 -24.34 1.94
N LEU C 897 -2.68 -23.55 1.00
CA LEU C 897 -1.40 -23.88 0.40
C LEU C 897 -0.31 -23.93 1.47
N GLY C 898 -0.33 -22.95 2.37
CA GLY C 898 0.63 -22.87 3.44
C GLY C 898 0.42 -23.97 4.46
N MET C 899 -0.84 -24.29 4.77
CA MET C 899 -1.16 -25.35 5.73
C MET C 899 -0.63 -26.68 5.18
N TYR C 900 -0.82 -26.88 3.89
CA TYR C 900 -0.37 -28.08 3.22
C TYR C 900 1.14 -28.18 3.34
N SER C 901 1.81 -27.06 3.04
CA SER C 901 3.28 -27.01 3.08
C SER C 901 3.90 -27.39 4.41
N TRP C 902 3.55 -26.69 5.49
CA TRP C 902 4.17 -27.02 6.76
C TRP C 902 3.76 -28.39 7.24
N ILE C 903 2.53 -28.81 6.95
CA ILE C 903 2.10 -30.14 7.39
C ILE C 903 2.81 -31.27 6.66
N SER C 904 3.08 -31.08 5.36
CA SER C 904 3.77 -32.11 4.59
C SER C 904 5.25 -32.22 4.95
N LEU C 905 5.86 -31.10 5.36
CA LEU C 905 7.27 -31.12 5.74
C LEU C 905 7.49 -31.96 6.99
N ILE C 906 6.44 -32.18 7.78
CA ILE C 906 6.60 -32.98 8.98
C ILE C 906 5.49 -34.01 9.16
N ARG C 907 4.84 -34.40 8.06
CA ARG C 907 3.77 -35.38 8.13
C ARG C 907 4.15 -36.53 9.09
N PRO C 908 5.31 -37.19 8.86
CA PRO C 908 5.77 -38.31 9.70
C PRO C 908 5.95 -37.92 11.17
N LEU C 909 6.62 -36.79 11.41
CA LEU C 909 6.84 -36.33 12.77
C LEU C 909 5.48 -36.22 13.46
N MET C 910 4.51 -35.65 12.75
CA MET C 910 3.18 -35.46 13.29
C MET C 910 2.50 -36.79 13.63
N THR C 911 2.47 -37.69 12.65
CA THR C 911 1.88 -39.01 12.84
C THR C 911 2.49 -39.71 14.06
N ARG C 912 3.81 -39.63 14.18
CA ARG C 912 4.53 -40.27 15.28
C ARG C 912 4.17 -39.61 16.58
N TRP C 913 4.18 -38.28 16.59
CA TRP C 913 3.85 -37.56 17.80
C TRP C 913 2.43 -37.89 18.25
N MET C 914 1.49 -37.88 17.30
CA MET C 914 0.10 -38.16 17.63
C MET C 914 -0.12 -39.52 18.28
N VAL C 915 0.51 -40.55 17.72
CA VAL C 915 0.39 -41.89 18.27
C VAL C 915 1.02 -41.98 19.65
N ALA C 916 2.25 -41.49 19.78
CA ALA C 916 2.95 -41.53 21.05
C ALA C 916 2.23 -40.73 22.15
N ASN C 917 1.15 -40.03 21.80
CA ASN C 917 0.41 -39.26 22.79
C ASN C 917 -1.03 -39.71 22.93
N GLY C 918 -1.29 -40.97 22.59
CA GLY C 918 -2.63 -41.52 22.72
C GLY C 918 -3.59 -41.35 21.55
N TYR C 919 -3.25 -40.51 20.58
CA TYR C 919 -4.14 -40.30 19.43
C TYR C 919 -3.92 -41.40 18.41
N VAL C 920 -4.41 -42.60 18.73
CA VAL C 920 -4.25 -43.78 17.88
C VAL C 920 -5.58 -44.36 17.44
N THR C 921 -5.58 -45.05 16.30
CA THR C 921 -6.78 -45.69 15.78
C THR C 921 -6.38 -46.90 14.93
N ASP C 922 -7.36 -47.73 14.60
CA ASP C 922 -7.12 -48.92 13.79
C ASP C 922 -7.25 -48.58 12.32
N ARG C 923 -8.03 -47.54 12.04
CA ARG C 923 -8.23 -47.09 10.67
C ARG C 923 -6.91 -46.46 10.21
N CYS C 924 -6.42 -46.86 9.05
CA CYS C 924 -5.17 -46.31 8.58
C CYS C 924 -5.40 -45.12 7.66
N SER C 925 -5.13 -43.93 8.18
CA SER C 925 -5.29 -42.70 7.41
C SER C 925 -4.29 -42.62 6.27
N THR C 926 -4.77 -42.13 5.15
CA THR C 926 -3.95 -41.96 3.97
C THR C 926 -2.84 -40.93 4.16
N VAL C 927 -3.12 -39.92 4.99
CA VAL C 927 -2.15 -38.87 5.25
C VAL C 927 -1.37 -39.15 6.53
N PHE C 928 -2.11 -39.40 7.61
CA PHE C 928 -1.52 -39.61 8.92
C PHE C 928 -1.48 -41.03 9.46
N GLY C 929 -1.51 -42.01 8.56
CA GLY C 929 -1.46 -43.39 8.98
C GLY C 929 -2.42 -43.75 10.09
N ASN C 930 -1.93 -44.42 11.12
CA ASN C 930 -2.80 -44.84 12.22
C ASN C 930 -2.94 -43.83 13.35
N ALA C 931 -2.80 -42.55 13.00
CA ALA C 931 -2.94 -41.49 13.99
C ALA C 931 -4.37 -40.98 13.98
N ASP C 932 -4.93 -40.81 15.17
CA ASP C 932 -6.29 -40.34 15.31
C ASP C 932 -6.28 -38.82 15.12
N TYR C 933 -5.92 -38.40 13.91
CA TYR C 933 -5.80 -36.98 13.60
C TYR C 933 -7.03 -36.14 13.90
N ARG C 934 -8.22 -36.69 13.68
CA ARG C 934 -9.45 -35.95 13.94
C ARG C 934 -9.58 -35.54 15.42
N ARG C 935 -9.31 -36.49 16.31
CA ARG C 935 -9.39 -36.17 17.72
C ARG C 935 -8.27 -35.21 18.11
N CYS C 936 -7.07 -35.44 17.59
CA CYS C 936 -5.94 -34.58 17.91
C CYS C 936 -6.18 -33.13 17.49
N PHE C 937 -6.53 -32.91 16.22
CA PHE C 937 -6.75 -31.54 15.73
C PHE C 937 -7.90 -30.77 16.37
N ASN C 938 -8.86 -31.47 16.95
CA ASN C 938 -9.99 -30.79 17.60
C ASN C 938 -9.55 -30.36 18.98
N GLU C 939 -8.77 -31.22 19.63
CA GLU C 939 -8.25 -30.96 20.96
C GLU C 939 -7.18 -29.89 20.98
N LEU C 940 -6.29 -29.89 19.99
CA LEU C 940 -5.25 -28.85 19.96
C LEU C 940 -5.80 -27.51 19.46
N LYS C 941 -7.03 -27.53 18.95
CA LYS C 941 -7.70 -26.34 18.40
C LYS C 941 -7.14 -25.95 17.03
N LEU C 942 -6.50 -26.90 16.35
CA LEU C 942 -5.94 -26.68 15.03
C LEU C 942 -7.07 -26.53 14.01
N TYR C 943 -8.13 -27.31 14.17
CA TYR C 943 -9.26 -27.18 13.25
C TYR C 943 -9.93 -25.87 13.59
N GLN C 944 -10.19 -25.67 14.87
CA GLN C 944 -10.84 -24.46 15.31
C GLN C 944 -10.14 -23.22 14.77
N GLY C 945 -8.84 -23.10 15.06
CA GLY C 945 -8.10 -21.95 14.59
C GLY C 945 -8.14 -21.83 13.09
N TYR C 946 -8.03 -22.99 12.43
CA TYR C 946 -8.05 -23.07 10.98
C TYR C 946 -9.31 -22.44 10.39
N TYR C 947 -10.46 -22.75 10.99
CA TYR C 947 -11.74 -22.22 10.54
C TYR C 947 -12.03 -20.82 11.04
N MET C 948 -11.58 -20.50 12.25
CA MET C 948 -11.80 -19.18 12.79
C MET C 948 -11.08 -18.12 11.97
N ALA C 949 -9.94 -18.49 11.42
CA ALA C 949 -9.13 -17.59 10.61
C ALA C 949 -9.85 -17.15 9.34
N GLN C 950 -10.79 -17.98 8.90
CA GLN C 950 -11.55 -17.70 7.68
C GLN C 950 -12.86 -16.97 7.90
N LEU C 951 -13.10 -16.50 9.12
CA LEU C 951 -14.33 -15.78 9.41
C LEU C 951 -14.08 -14.28 9.45
N PRO C 952 -15.08 -13.47 9.04
CA PRO C 952 -15.08 -12.01 9.00
C PRO C 952 -14.53 -11.40 10.27
N ARG C 953 -13.55 -10.51 10.15
CA ARG C 953 -12.95 -9.86 11.30
C ARG C 953 -13.57 -8.50 11.56
N ASN C 954 -14.76 -8.29 11.00
CA ASN C 954 -15.49 -7.05 11.20
C ASN C 954 -17.00 -7.30 11.04
N PRO C 955 -17.83 -6.53 11.74
CA PRO C 955 -19.30 -6.65 11.72
C PRO C 955 -19.87 -6.58 10.33
N LYS C 956 -20.99 -7.26 10.12
CA LYS C 956 -21.66 -7.26 8.83
C LYS C 956 -22.96 -6.46 8.95
N LYS C 957 -23.34 -5.76 7.88
CA LYS C 957 -24.57 -4.99 7.89
C LYS C 957 -25.65 -5.65 7.06
N SER C 958 -25.26 -6.68 6.31
CA SER C 958 -26.24 -7.41 5.50
C SER C 958 -27.23 -7.99 6.52
N GLY C 959 -28.48 -8.16 6.11
CA GLY C 959 -29.45 -8.71 7.05
C GLY C 959 -30.21 -7.61 7.77
N ARG C 960 -29.82 -6.36 7.53
CA ARG C 960 -30.53 -5.27 8.15
C ARG C 960 -31.87 -5.22 7.43
N ALA C 961 -32.96 -5.07 8.19
CA ALA C 961 -34.28 -5.02 7.59
C ALA C 961 -34.33 -4.02 6.44
N ALA C 962 -34.55 -4.53 5.24
CA ALA C 962 -34.61 -3.71 4.05
C ALA C 962 -35.98 -3.78 3.39
N SER C 963 -36.77 -2.73 3.56
CA SER C 963 -38.10 -2.65 2.97
C SER C 963 -38.08 -2.93 1.46
N ARG C 964 -38.36 -4.19 1.13
CA ARG C 964 -38.37 -4.70 -0.24
C ARG C 964 -38.63 -3.73 -1.38
N GLU C 965 -39.64 -2.86 -1.24
CA GLU C 965 -39.98 -1.92 -2.31
C GLU C 965 -38.90 -0.89 -2.60
N VAL C 966 -38.41 -0.19 -1.58
CA VAL C 966 -37.37 0.81 -1.79
C VAL C 966 -36.07 0.11 -2.14
N ARG C 967 -35.95 -1.12 -1.67
CA ARG C 967 -34.78 -1.95 -1.91
C ARG C 967 -34.71 -2.27 -3.41
N GLU C 968 -35.88 -2.51 -4.02
CA GLU C 968 -35.94 -2.81 -5.45
C GLU C 968 -35.80 -1.55 -6.32
N GLN C 969 -36.29 -0.43 -5.80
CA GLN C 969 -36.19 0.84 -6.52
C GLN C 969 -34.72 1.20 -6.69
N PHE C 970 -33.98 1.04 -5.59
CA PHE C 970 -32.55 1.32 -5.53
C PHE C 970 -31.74 0.49 -6.52
N THR C 971 -31.87 -0.83 -6.39
CA THR C 971 -31.16 -1.75 -7.25
C THR C 971 -31.57 -1.59 -8.70
N GLN C 972 -32.75 -1.01 -8.91
CA GLN C 972 -33.26 -0.76 -10.26
C GLN C 972 -32.53 0.45 -10.81
N ALA C 973 -32.37 1.46 -9.95
CA ALA C 973 -31.67 2.68 -10.33
C ALA C 973 -30.26 2.27 -10.71
N LEU C 974 -29.61 1.49 -9.85
CA LEU C 974 -28.26 1.05 -10.15
C LEU C 974 -28.23 0.36 -11.49
N SER C 975 -29.18 -0.55 -11.72
CA SER C 975 -29.25 -1.26 -12.99
C SER C 975 -29.37 -0.33 -14.20
N ASP C 976 -30.23 0.69 -14.11
CA ASP C 976 -30.43 1.63 -15.21
C ASP C 976 -29.15 2.43 -15.50
N TYR C 977 -28.43 2.75 -14.44
CA TYR C 977 -27.19 3.50 -14.55
C TYR C 977 -26.23 2.70 -15.39
N LEU C 978 -26.10 1.42 -15.03
CA LEU C 978 -25.19 0.52 -15.71
C LEU C 978 -25.70 0.10 -17.08
N MET C 979 -26.98 -0.29 -17.14
CA MET C 979 -27.57 -0.75 -18.39
C MET C 979 -28.19 0.36 -19.23
N GLN C 980 -27.63 1.56 -19.12
CA GLN C 980 -28.11 2.70 -19.88
C GLN C 980 -28.32 2.25 -21.33
N ASN C 981 -27.23 1.86 -21.97
CA ASN C 981 -27.22 1.43 -23.37
C ASN C 981 -27.90 0.07 -23.60
N PRO C 982 -29.05 0.06 -24.30
CA PRO C 982 -29.78 -1.17 -24.60
C PRO C 982 -28.93 -2.25 -25.26
N GLU C 983 -27.92 -1.84 -26.01
CA GLU C 983 -27.04 -2.77 -26.71
C GLU C 983 -26.33 -3.66 -25.73
N LEU C 984 -25.84 -3.05 -24.65
CA LEU C 984 -25.12 -3.79 -23.62
C LEU C 984 -26.05 -4.82 -23.01
N LYS C 985 -27.23 -4.34 -22.57
CA LYS C 985 -28.23 -5.20 -21.95
C LYS C 985 -28.60 -6.37 -22.85
N SER C 986 -28.85 -6.06 -24.12
CA SER C 986 -29.21 -7.10 -25.08
C SER C 986 -28.12 -8.16 -25.10
N ARG C 987 -26.87 -7.73 -24.93
CA ARG C 987 -25.75 -8.65 -24.91
C ARG C 987 -25.81 -9.62 -23.73
N VAL C 988 -26.16 -9.11 -22.55
CA VAL C 988 -26.23 -9.94 -21.37
C VAL C 988 -27.39 -10.92 -21.44
N LEU C 989 -28.53 -10.46 -21.91
CA LEU C 989 -29.71 -11.30 -22.05
C LEU C 989 -29.37 -12.49 -22.95
N ARG C 990 -28.56 -12.23 -23.97
CA ARG C 990 -28.16 -13.28 -24.89
C ARG C 990 -27.32 -14.29 -24.11
N GLY C 991 -26.29 -13.80 -23.44
CA GLY C 991 -25.45 -14.68 -22.65
C GLY C 991 -26.32 -15.52 -21.73
N ARG C 992 -27.34 -14.88 -21.16
CA ARG C 992 -28.23 -15.56 -20.25
C ARG C 992 -28.91 -16.80 -20.81
N SER C 993 -29.74 -16.63 -21.82
CA SER C 993 -30.43 -17.78 -22.40
C SER C 993 -29.43 -18.77 -22.98
N GLU C 994 -28.29 -18.26 -23.43
CA GLU C 994 -27.26 -19.13 -23.99
C GLU C 994 -26.65 -19.94 -22.85
N TRP C 995 -26.59 -19.33 -21.67
CA TRP C 995 -26.03 -20.02 -20.51
C TRP C 995 -26.90 -21.18 -20.08
N GLU C 996 -28.21 -20.98 -20.01
CA GLU C 996 -29.13 -22.04 -19.59
C GLU C 996 -28.97 -23.30 -20.43
N LYS C 997 -28.52 -23.13 -21.67
CA LYS C 997 -28.34 -24.27 -22.58
C LYS C 997 -26.97 -24.94 -22.48
N TYR C 998 -25.90 -24.15 -22.52
CA TYR C 998 -24.56 -24.73 -22.49
C TYR C 998 -23.72 -24.65 -21.22
N GLY C 999 -24.00 -23.68 -20.35
CA GLY C 999 -23.20 -23.55 -19.15
C GLY C 999 -23.90 -23.86 -17.85
N ALA C 1000 -25.21 -23.60 -17.77
CA ALA C 1000 -25.96 -23.84 -16.56
C ALA C 1000 -25.74 -25.27 -16.09
N GLY C 1001 -25.38 -25.44 -14.82
CA GLY C 1001 -25.16 -26.78 -14.30
C GLY C 1001 -23.70 -27.14 -14.17
N ILE C 1002 -22.88 -26.74 -15.14
CA ILE C 1002 -21.46 -27.05 -15.09
C ILE C 1002 -20.82 -26.31 -13.91
N ILE C 1003 -20.92 -24.98 -13.89
CA ILE C 1003 -20.40 -24.23 -12.76
C ILE C 1003 -21.56 -23.45 -12.17
N HIS C 1004 -21.40 -22.94 -10.96
CA HIS C 1004 -22.44 -22.19 -10.28
C HIS C 1004 -22.05 -20.76 -9.94
N ASN C 1005 -20.85 -20.38 -10.35
CA ASN C 1005 -20.31 -19.03 -10.13
C ASN C 1005 -20.38 -18.10 -11.33
N PRO C 1006 -21.30 -18.33 -12.29
CA PRO C 1006 -21.30 -17.43 -13.45
C PRO C 1006 -21.29 -15.94 -13.13
N PRO C 1007 -20.16 -15.25 -13.39
CA PRO C 1007 -20.09 -13.81 -13.14
C PRO C 1007 -21.01 -13.17 -14.17
N SER C 1008 -21.73 -12.14 -13.79
CA SER C 1008 -22.65 -11.51 -14.72
C SER C 1008 -22.80 -10.01 -14.44
N LEU C 1009 -23.02 -9.22 -15.48
CA LEU C 1009 -23.22 -7.80 -15.30
C LEU C 1009 -24.46 -7.62 -14.45
N PHE C 1010 -25.41 -8.55 -14.57
CA PHE C 1010 -26.64 -8.48 -13.79
C PHE C 1010 -26.43 -8.58 -12.29
N ASP C 1011 -25.23 -8.96 -11.87
CA ASP C 1011 -24.93 -9.08 -10.45
C ASP C 1011 -24.45 -7.74 -9.89
N VAL C 1012 -23.77 -6.97 -10.73
CA VAL C 1012 -23.22 -5.69 -10.32
C VAL C 1012 -24.15 -4.82 -9.49
N PRO C 1013 -25.42 -4.69 -9.89
CA PRO C 1013 -26.28 -3.84 -9.06
C PRO C 1013 -26.34 -4.38 -7.63
N HIS C 1014 -26.40 -5.71 -7.50
CA HIS C 1014 -26.46 -6.35 -6.19
C HIS C 1014 -25.15 -6.21 -5.42
N LYS C 1015 -24.03 -6.35 -6.12
CA LYS C 1015 -22.75 -6.21 -5.47
C LYS C 1015 -22.56 -4.75 -5.04
N TRP C 1016 -23.07 -3.82 -5.84
CA TRP C 1016 -22.97 -2.40 -5.52
C TRP C 1016 -23.77 -2.08 -4.26
N TYR C 1017 -24.98 -2.64 -4.18
CA TYR C 1017 -25.84 -2.44 -3.02
C TYR C 1017 -25.12 -2.96 -1.77
N GLN C 1018 -24.60 -4.18 -1.84
CA GLN C 1018 -23.89 -4.76 -0.71
C GLN C 1018 -22.76 -3.83 -0.28
N GLY C 1019 -22.00 -3.33 -1.25
CA GLY C 1019 -20.91 -2.43 -0.95
C GLY C 1019 -21.34 -1.18 -0.19
N ALA C 1020 -22.45 -0.57 -0.63
CA ALA C 1020 -22.95 0.62 0.05
C ALA C 1020 -23.41 0.26 1.47
N GLN C 1021 -23.90 -0.97 1.62
CA GLN C 1021 -24.35 -1.45 2.91
C GLN C 1021 -23.16 -1.59 3.84
N GLU C 1022 -22.24 -2.48 3.47
CA GLU C 1022 -21.07 -2.75 4.29
C GLU C 1022 -20.20 -1.53 4.55
N ALA C 1023 -20.58 -0.38 4.01
CA ALA C 1023 -19.80 0.85 4.21
C ALA C 1023 -20.31 1.64 5.41
N ALA C 1024 -21.59 1.46 5.73
CA ALA C 1024 -22.22 2.14 6.87
C ALA C 1024 -21.67 1.68 8.22
N ILE C 1025 -21.88 2.48 9.25
CA ILE C 1025 -21.44 2.16 10.62
C ILE C 1025 -22.21 0.95 11.14
N ALA C 1026 -21.50 0.04 11.80
CA ALA C 1026 -22.13 -1.15 12.37
C ALA C 1026 -22.75 -0.83 13.73
N THR C 1027 -23.69 -1.66 14.15
CA THR C 1027 -24.37 -1.52 15.44
C THR C 1027 -23.70 -2.43 16.46
N ARG C 1028 -23.94 -2.20 17.75
CA ARG C 1028 -23.33 -3.04 18.78
C ARG C 1028 -23.88 -4.46 18.68
N GLU C 1029 -25.06 -4.58 18.10
CA GLU C 1029 -25.71 -5.87 17.93
C GLU C 1029 -24.99 -6.64 16.84
N GLU C 1030 -24.80 -6.01 15.69
CA GLU C 1030 -24.10 -6.63 14.58
C GLU C 1030 -22.71 -7.07 15.04
N LEU C 1031 -22.18 -6.34 16.01
CA LEU C 1031 -20.86 -6.63 16.56
C LEU C 1031 -20.94 -7.94 17.36
N ALA C 1032 -21.95 -8.03 18.21
CA ALA C 1032 -22.15 -9.25 19.01
C ALA C 1032 -22.28 -10.41 18.05
N GLU C 1033 -23.08 -10.23 16.99
CA GLU C 1033 -23.30 -11.29 16.02
C GLU C 1033 -21.97 -11.75 15.46
N MET C 1034 -21.07 -10.81 15.17
CA MET C 1034 -19.76 -11.18 14.63
C MET C 1034 -18.98 -12.03 15.64
N ASP C 1035 -19.06 -11.66 16.91
CA ASP C 1035 -18.36 -12.41 17.94
C ASP C 1035 -18.92 -13.81 18.10
N GLU C 1036 -20.25 -13.88 18.19
CA GLU C 1036 -20.94 -15.16 18.33
C GLU C 1036 -20.50 -16.13 17.23
N THR C 1037 -20.34 -15.61 16.03
CA THR C 1037 -19.91 -16.40 14.88
C THR C 1037 -18.55 -17.03 15.12
N LEU C 1038 -17.61 -16.19 15.55
CA LEU C 1038 -16.25 -16.63 15.85
C LEU C 1038 -16.26 -17.59 17.03
N MET C 1039 -17.13 -17.33 17.99
CA MET C 1039 -17.23 -18.17 19.17
C MET C 1039 -17.92 -19.49 18.91
N ARG C 1040 -18.78 -19.53 17.89
CA ARG C 1040 -19.49 -20.75 17.56
C ARG C 1040 -18.53 -21.67 16.83
N ALA C 1041 -17.69 -21.08 16.01
CA ALA C 1041 -16.72 -21.85 15.26
C ALA C 1041 -15.71 -22.47 16.24
N ARG C 1042 -15.42 -21.77 17.32
CA ARG C 1042 -14.47 -22.26 18.32
C ARG C 1042 -15.04 -23.40 19.14
N ARG C 1043 -16.37 -23.41 19.31
CA ARG C 1043 -17.04 -24.46 20.06
C ARG C 1043 -17.19 -25.73 19.23
N HIS C 1044 -17.62 -25.54 17.98
CA HIS C 1044 -17.85 -26.63 17.05
C HIS C 1044 -16.62 -27.52 16.94
N SER C 1045 -16.83 -28.79 16.61
CA SER C 1045 -15.71 -29.73 16.44
C SER C 1045 -15.77 -30.15 14.97
N TYR C 1046 -14.63 -30.41 14.34
CA TYR C 1046 -14.60 -30.78 12.93
C TYR C 1046 -14.01 -32.15 12.64
N SER C 1047 -14.15 -32.60 11.41
CA SER C 1047 -13.62 -33.90 11.03
C SER C 1047 -12.68 -33.82 9.80
N SER C 1048 -12.45 -32.62 9.31
CA SER C 1048 -11.56 -32.44 8.16
C SER C 1048 -11.27 -30.98 7.87
N PHE C 1049 -10.37 -30.75 6.92
CA PHE C 1049 -10.01 -29.40 6.51
C PHE C 1049 -10.93 -29.11 5.31
N SER C 1050 -10.60 -28.10 4.53
CA SER C 1050 -11.39 -27.75 3.36
C SER C 1050 -11.26 -28.87 2.30
N LYS C 1051 -12.19 -28.93 1.37
CA LYS C 1051 -12.13 -29.95 0.32
C LYS C 1051 -10.85 -29.85 -0.50
N LEU C 1052 -10.32 -28.63 -0.65
CA LEU C 1052 -9.10 -28.42 -1.42
C LEU C 1052 -7.86 -28.86 -0.64
N LEU C 1053 -7.83 -28.55 0.66
CA LEU C 1053 -6.69 -28.95 1.48
C LEU C 1053 -6.62 -30.48 1.66
N GLU C 1054 -7.77 -31.13 1.76
CA GLU C 1054 -7.77 -32.59 1.90
C GLU C 1054 -7.27 -33.19 0.58
N ALA C 1055 -7.55 -32.52 -0.53
CA ALA C 1055 -7.08 -33.02 -1.82
C ALA C 1055 -5.56 -32.83 -1.99
N TYR C 1056 -5.02 -31.69 -1.54
CA TYR C 1056 -3.57 -31.48 -1.68
C TYR C 1056 -2.79 -32.46 -0.83
N LEU C 1057 -3.32 -32.77 0.35
CA LEU C 1057 -2.67 -33.69 1.28
C LEU C 1057 -2.45 -35.10 0.76
N LEU C 1058 -3.18 -35.47 -0.29
CA LEU C 1058 -3.04 -36.79 -0.91
C LEU C 1058 -1.72 -36.86 -1.70
N VAL C 1059 -1.15 -35.69 -1.97
CA VAL C 1059 0.09 -35.57 -2.75
C VAL C 1059 1.34 -35.51 -1.87
N LYS C 1060 2.29 -36.40 -2.15
CA LYS C 1060 3.56 -36.45 -1.41
C LYS C 1060 4.76 -36.18 -2.31
N TRP C 1061 5.84 -35.68 -1.74
CA TRP C 1061 7.04 -35.35 -2.49
C TRP C 1061 8.31 -35.86 -1.84
N ARG C 1062 9.42 -35.64 -2.53
CA ARG C 1062 10.73 -35.98 -2.03
C ARG C 1062 11.58 -34.75 -2.29
N MET C 1063 12.08 -34.16 -1.20
CA MET C 1063 12.93 -32.98 -1.26
C MET C 1063 14.32 -33.51 -1.56
N CYS C 1064 15.01 -32.91 -2.51
CA CYS C 1064 16.32 -33.42 -2.84
C CYS C 1064 17.48 -32.43 -2.80
N GLU C 1065 18.36 -32.51 -3.79
CA GLU C 1065 19.55 -31.67 -3.87
C GLU C 1065 19.27 -30.17 -3.85
N ALA C 1066 20.07 -29.44 -3.08
CA ALA C 1066 19.93 -27.99 -3.01
C ALA C 1066 20.21 -27.46 -4.42
N ARG C 1067 19.51 -26.40 -4.79
CA ARG C 1067 19.72 -25.80 -6.11
C ARG C 1067 21.07 -25.09 -6.13
N GLU C 1068 21.59 -24.85 -7.33
CA GLU C 1068 22.84 -24.13 -7.46
C GLU C 1068 22.47 -22.66 -7.39
N PRO C 1069 23.44 -21.80 -7.08
CA PRO C 1069 23.18 -20.35 -7.00
C PRO C 1069 22.65 -19.77 -8.32
N SER C 1070 21.64 -18.91 -8.20
CA SER C 1070 21.05 -18.27 -9.37
C SER C 1070 21.72 -16.92 -9.56
N VAL C 1071 22.36 -16.44 -8.50
CA VAL C 1071 23.10 -15.19 -8.53
C VAL C 1071 24.30 -15.33 -7.58
N ASP C 1072 25.32 -14.51 -7.82
CA ASP C 1072 26.54 -14.53 -7.04
C ASP C 1072 26.33 -14.21 -5.55
N LEU C 1073 26.85 -15.07 -4.68
CA LEU C 1073 26.73 -14.93 -3.23
C LEU C 1073 27.48 -13.77 -2.56
N ARG C 1074 28.23 -12.99 -3.34
CA ARG C 1074 28.96 -11.85 -2.79
C ARG C 1074 28.21 -10.59 -3.21
N LEU C 1075 27.06 -10.80 -3.85
CA LEU C 1075 26.25 -9.72 -4.40
C LEU C 1075 25.17 -9.12 -3.49
N PRO C 1076 25.33 -7.85 -3.09
CA PRO C 1076 24.34 -7.20 -2.23
C PRO C 1076 23.07 -6.85 -3.04
N LEU C 1077 22.00 -7.59 -2.83
CA LEU C 1077 20.75 -7.33 -3.56
C LEU C 1077 19.75 -6.49 -2.77
N CYS C 1078 19.67 -6.76 -1.48
CA CYS C 1078 18.78 -6.05 -0.57
C CYS C 1078 19.45 -5.93 0.79
N ALA C 1079 19.69 -4.70 1.24
CA ALA C 1079 20.36 -4.51 2.51
C ALA C 1079 19.59 -5.26 3.58
N GLY C 1080 20.30 -5.90 4.49
CA GLY C 1080 19.64 -6.67 5.53
C GLY C 1080 19.56 -8.11 5.10
N ILE C 1081 19.48 -8.33 3.80
CA ILE C 1081 19.43 -9.68 3.26
C ILE C 1081 20.85 -10.04 2.89
N ASP C 1082 21.60 -10.51 3.87
CA ASP C 1082 23.00 -10.88 3.68
C ASP C 1082 23.30 -12.19 4.43
N PRO C 1083 24.56 -12.64 4.39
CA PRO C 1083 24.93 -13.87 5.09
C PRO C 1083 24.62 -13.88 6.59
N LEU C 1084 24.20 -12.75 7.13
CA LEU C 1084 23.85 -12.67 8.56
C LEU C 1084 22.36 -12.94 8.77
N ASN C 1085 21.63 -13.06 7.66
CA ASN C 1085 20.19 -13.31 7.68
C ASN C 1085 19.94 -14.55 6.81
N SER C 1086 20.52 -15.67 7.25
CA SER C 1086 20.50 -16.96 6.55
C SER C 1086 19.32 -17.38 5.67
N ASP C 1087 18.13 -17.56 6.23
CA ASP C 1087 17.01 -17.99 5.40
C ASP C 1087 16.72 -17.02 4.24
N PRO C 1088 16.44 -15.73 4.53
CA PRO C 1088 16.15 -14.77 3.45
C PRO C 1088 17.26 -14.73 2.41
N PHE C 1089 18.51 -14.74 2.89
CA PHE C 1089 19.68 -14.69 2.01
C PHE C 1089 19.81 -15.94 1.12
N LEU C 1090 19.64 -17.11 1.73
CA LEU C 1090 19.73 -18.37 1.01
C LEU C 1090 18.60 -18.52 0.02
N LYS C 1091 17.43 -17.97 0.36
CA LYS C 1091 16.29 -18.07 -0.53
C LYS C 1091 16.52 -17.14 -1.72
N MET C 1092 17.02 -15.95 -1.44
CA MET C 1092 17.31 -14.97 -2.47
C MET C 1092 18.33 -15.53 -3.47
N VAL C 1093 19.41 -16.09 -2.94
CA VAL C 1093 20.47 -16.63 -3.76
C VAL C 1093 20.13 -17.87 -4.58
N SER C 1094 19.45 -18.83 -3.96
CA SER C 1094 19.12 -20.05 -4.68
C SER C 1094 17.92 -19.94 -5.61
N VAL C 1095 16.89 -19.23 -5.16
CA VAL C 1095 15.67 -19.05 -5.96
C VAL C 1095 15.88 -17.96 -6.99
N GLY C 1096 16.60 -16.91 -6.58
CA GLY C 1096 16.89 -15.81 -7.47
C GLY C 1096 15.89 -14.68 -7.37
N PRO C 1097 16.32 -13.44 -7.61
CA PRO C 1097 15.40 -12.30 -7.52
C PRO C 1097 14.43 -12.22 -8.70
N MET C 1098 13.28 -11.61 -8.45
CA MET C 1098 12.26 -11.41 -9.47
C MET C 1098 12.78 -10.24 -10.33
N LEU C 1099 13.22 -10.51 -11.56
CA LEU C 1099 13.75 -9.45 -12.40
C LEU C 1099 12.80 -8.84 -13.42
N GLN C 1100 11.50 -9.06 -13.23
CA GLN C 1100 10.51 -8.46 -14.11
C GLN C 1100 9.44 -7.77 -13.28
N SER C 1101 8.81 -6.76 -13.86
CA SER C 1101 7.73 -6.05 -13.17
C SER C 1101 6.62 -7.04 -12.89
N THR C 1102 6.14 -7.07 -11.65
CA THR C 1102 5.08 -7.98 -11.27
C THR C 1102 3.73 -7.60 -11.89
N ARG C 1103 3.59 -6.36 -12.34
CA ARG C 1103 2.36 -5.92 -12.96
C ARG C 1103 2.32 -6.45 -14.39
N LYS C 1104 3.47 -6.40 -15.07
CA LYS C 1104 3.56 -6.87 -16.44
C LYS C 1104 3.41 -8.37 -16.46
N TYR C 1105 4.16 -9.04 -15.59
CA TYR C 1105 4.11 -10.49 -15.51
C TYR C 1105 2.69 -11.01 -15.32
N PHE C 1106 2.01 -10.50 -14.30
CA PHE C 1106 0.66 -10.93 -14.01
C PHE C 1106 -0.38 -10.50 -15.01
N ALA C 1107 -0.09 -9.46 -15.79
CA ALA C 1107 -1.06 -9.01 -16.78
C ALA C 1107 -1.14 -10.10 -17.87
N GLN C 1108 -0.16 -11.00 -17.87
CA GLN C 1108 -0.13 -12.09 -18.85
C GLN C 1108 -0.79 -13.38 -18.32
N THR C 1109 -1.49 -13.27 -17.18
CA THR C 1109 -2.17 -14.44 -16.61
C THR C 1109 -3.70 -14.31 -16.62
N LEU C 1110 -4.20 -13.37 -17.41
CA LEU C 1110 -5.64 -13.13 -17.53
C LEU C 1110 -6.02 -12.94 -18.99
N PHE C 1111 -7.24 -13.34 -19.37
CA PHE C 1111 -7.68 -13.16 -20.75
C PHE C 1111 -8.23 -11.76 -20.91
N MET C 1112 -8.72 -11.17 -19.82
CA MET C 1112 -9.27 -9.81 -19.84
C MET C 1112 -8.67 -9.02 -18.68
N ALA C 1113 -8.15 -7.84 -19.00
CA ALA C 1113 -7.52 -6.97 -18.01
C ALA C 1113 -8.49 -6.19 -17.14
N LYS C 1114 -9.57 -5.70 -17.75
CA LYS C 1114 -10.56 -4.94 -17.01
C LYS C 1114 -11.97 -5.45 -17.22
N THR C 1115 -12.86 -5.00 -16.35
CA THR C 1115 -14.26 -5.34 -16.42
C THR C 1115 -14.98 -4.30 -15.59
N VAL C 1116 -16.30 -4.31 -15.59
CA VAL C 1116 -17.04 -3.31 -14.83
C VAL C 1116 -16.66 -3.41 -13.35
N SER C 1117 -16.42 -2.26 -12.73
CA SER C 1117 -16.07 -2.25 -11.31
C SER C 1117 -17.24 -2.90 -10.61
N GLY C 1118 -16.95 -3.93 -9.83
CA GLY C 1118 -18.01 -4.65 -9.14
C GLY C 1118 -17.81 -6.13 -9.42
N LEU C 1119 -17.32 -6.45 -10.62
CA LEU C 1119 -17.04 -7.83 -10.97
C LEU C 1119 -15.55 -8.06 -10.75
N ASP C 1120 -15.17 -9.32 -10.60
CA ASP C 1120 -13.78 -9.65 -10.35
C ASP C 1120 -13.14 -10.27 -11.59
N VAL C 1121 -12.13 -9.59 -12.11
CA VAL C 1121 -11.43 -10.05 -13.29
C VAL C 1121 -10.89 -11.46 -13.03
N ASN C 1122 -10.34 -11.69 -11.84
CA ASN C 1122 -9.80 -13.02 -11.51
C ASN C 1122 -10.92 -14.02 -11.42
N ALA C 1123 -12.11 -13.56 -11.08
CA ALA C 1123 -13.26 -14.45 -10.97
C ALA C 1123 -13.68 -14.87 -12.36
N ILE C 1124 -13.75 -13.90 -13.28
CA ILE C 1124 -14.15 -14.20 -14.65
C ILE C 1124 -13.19 -15.17 -15.30
N ASP C 1125 -11.90 -14.98 -15.01
CA ASP C 1125 -10.86 -15.82 -15.57
C ASP C 1125 -10.97 -17.25 -15.02
N SER C 1126 -11.37 -17.35 -13.76
CA SER C 1126 -11.51 -18.63 -13.10
C SER C 1126 -12.71 -19.42 -13.61
N ALA C 1127 -13.79 -18.72 -13.91
CA ALA C 1127 -15.00 -19.35 -14.40
C ALA C 1127 -14.76 -19.93 -15.78
N LEU C 1128 -14.08 -19.15 -16.63
CA LEU C 1128 -13.80 -19.59 -17.99
C LEU C 1128 -12.91 -20.83 -18.00
N LEU C 1129 -11.86 -20.80 -17.20
CA LEU C 1129 -10.95 -21.93 -17.14
C LEU C 1129 -11.65 -23.14 -16.50
N ARG C 1130 -12.45 -22.89 -15.48
CA ARG C 1130 -13.17 -23.98 -14.83
C ARG C 1130 -14.11 -24.66 -15.83
N LEU C 1131 -14.91 -23.86 -16.54
CA LEU C 1131 -15.83 -24.40 -17.54
C LEU C 1131 -15.04 -25.28 -18.53
N ARG C 1132 -13.89 -24.78 -18.96
CA ARG C 1132 -13.05 -25.54 -19.89
C ARG C 1132 -12.62 -26.84 -19.25
N THR C 1133 -12.14 -26.76 -18.01
CA THR C 1133 -11.66 -27.92 -17.29
C THR C 1133 -12.77 -28.92 -17.00
N LEU C 1134 -13.99 -28.42 -16.87
CA LEU C 1134 -15.11 -29.29 -16.58
C LEU C 1134 -15.76 -29.88 -17.83
N GLY C 1135 -15.06 -29.80 -18.95
CA GLY C 1135 -15.57 -30.35 -20.19
C GLY C 1135 -16.61 -29.52 -20.92
N ALA C 1136 -16.91 -28.32 -20.43
CA ALA C 1136 -17.92 -27.47 -21.08
C ALA C 1136 -17.59 -27.18 -22.54
N ASP C 1137 -18.63 -26.94 -23.32
CA ASP C 1137 -18.46 -26.64 -24.74
C ASP C 1137 -18.16 -25.16 -24.94
N LYS C 1138 -17.44 -24.85 -26.01
CA LYS C 1138 -17.08 -23.48 -26.34
C LYS C 1138 -18.26 -22.53 -26.16
N LYS C 1139 -19.42 -22.91 -26.70
CA LYS C 1139 -20.59 -22.04 -26.59
C LYS C 1139 -20.86 -21.59 -25.16
N ALA C 1140 -20.37 -22.36 -24.19
CA ALA C 1140 -20.56 -22.03 -22.79
C ALA C 1140 -19.60 -20.91 -22.37
N LEU C 1141 -18.39 -20.89 -22.93
CA LEU C 1141 -17.47 -19.82 -22.59
C LEU C 1141 -17.95 -18.58 -23.33
N THR C 1142 -18.49 -18.78 -24.53
CA THR C 1142 -19.01 -17.66 -25.29
C THR C 1142 -20.17 -17.07 -24.53
N ALA C 1143 -20.92 -17.92 -23.83
CA ALA C 1143 -22.05 -17.42 -23.06
C ALA C 1143 -21.55 -16.62 -21.87
N GLN C 1144 -20.55 -17.15 -21.17
CA GLN C 1144 -19.98 -16.48 -20.01
C GLN C 1144 -19.49 -15.09 -20.39
N LEU C 1145 -18.81 -15.01 -21.53
CA LEU C 1145 -18.28 -13.74 -22.01
C LEU C 1145 -19.38 -12.74 -22.36
N LEU C 1146 -20.49 -13.23 -22.91
CA LEU C 1146 -21.60 -12.35 -23.25
C LEU C 1146 -22.20 -11.75 -22.00
N MET C 1147 -22.28 -12.54 -20.93
CA MET C 1147 -22.84 -12.08 -19.67
C MET C 1147 -22.01 -11.01 -18.95
N VAL C 1148 -20.75 -10.88 -19.31
CA VAL C 1148 -19.92 -9.85 -18.70
C VAL C 1148 -19.74 -8.66 -19.64
N GLY C 1149 -20.55 -8.61 -20.68
CA GLY C 1149 -20.52 -7.48 -21.60
C GLY C 1149 -19.94 -7.53 -23.01
N LEU C 1150 -19.32 -8.64 -23.40
CA LEU C 1150 -18.74 -8.72 -24.73
C LEU C 1150 -19.71 -8.93 -25.88
N GLN C 1151 -19.33 -8.42 -27.04
CA GLN C 1151 -20.12 -8.55 -28.26
C GLN C 1151 -19.93 -10.01 -28.71
N GLU C 1152 -20.95 -10.63 -29.30
CA GLU C 1152 -20.83 -12.02 -29.73
C GLU C 1152 -19.57 -12.37 -30.50
N SER C 1153 -19.15 -11.49 -31.40
CA SER C 1153 -17.96 -11.73 -32.20
C SER C 1153 -16.70 -11.86 -31.33
N GLU C 1154 -16.50 -10.92 -30.41
CA GLU C 1154 -15.34 -10.97 -29.52
C GLU C 1154 -15.49 -12.16 -28.59
N ALA C 1155 -16.70 -12.37 -28.11
CA ALA C 1155 -17.00 -13.47 -27.21
C ALA C 1155 -16.61 -14.81 -27.82
N ASP C 1156 -17.14 -15.08 -29.00
CA ASP C 1156 -16.86 -16.33 -29.72
C ASP C 1156 -15.37 -16.49 -30.02
N ALA C 1157 -14.72 -15.38 -30.34
CA ALA C 1157 -13.28 -15.40 -30.65
C ALA C 1157 -12.45 -15.70 -29.40
N LEU C 1158 -12.68 -14.96 -28.32
CA LEU C 1158 -11.92 -15.21 -27.09
C LEU C 1158 -12.25 -16.61 -26.56
N ALA C 1159 -13.52 -17.00 -26.65
CA ALA C 1159 -13.94 -18.32 -26.20
C ALA C 1159 -13.13 -19.38 -26.98
N GLY C 1160 -13.20 -19.31 -28.31
CA GLY C 1160 -12.48 -20.25 -29.15
C GLY C 1160 -10.98 -20.18 -28.89
N LYS C 1161 -10.51 -19.01 -28.51
CA LYS C 1161 -9.09 -18.83 -28.22
C LYS C 1161 -8.74 -19.54 -26.91
N ILE C 1162 -9.57 -19.36 -25.89
CA ILE C 1162 -9.34 -19.98 -24.59
C ILE C 1162 -9.34 -21.52 -24.69
N MET C 1163 -10.22 -22.08 -25.51
CA MET C 1163 -10.30 -23.53 -25.65
C MET C 1163 -9.02 -24.21 -26.11
N LEU C 1164 -8.32 -23.60 -27.06
CA LEU C 1164 -7.11 -24.21 -27.60
C LEU C 1164 -5.81 -23.70 -26.98
N GLN C 1165 -5.90 -22.84 -25.97
CA GLN C 1165 -4.69 -22.29 -25.40
C GLN C 1165 -3.94 -23.12 -24.37
N ASP C 1166 -2.63 -23.01 -24.39
CA ASP C 1166 -1.79 -23.68 -23.42
C ASP C 1166 -1.66 -22.66 -22.30
N VAL C 1167 -2.46 -22.83 -21.26
CA VAL C 1167 -2.47 -21.92 -20.12
C VAL C 1167 -1.30 -22.11 -19.15
N ASN C 1168 -0.67 -20.99 -18.77
CA ASN C 1168 0.48 -20.99 -17.87
C ASN C 1168 0.11 -21.39 -16.45
N THR C 1169 1.11 -21.91 -15.74
CA THR C 1169 0.97 -22.37 -14.36
C THR C 1169 0.17 -21.44 -13.47
N VAL C 1170 0.57 -20.16 -13.42
CA VAL C 1170 -0.09 -19.18 -12.59
C VAL C 1170 -1.54 -18.93 -12.96
N GLN C 1171 -1.83 -18.77 -14.24
CA GLN C 1171 -3.19 -18.49 -14.63
C GLN C 1171 -4.08 -19.69 -14.43
N LEU C 1172 -3.54 -20.86 -14.69
CA LEU C 1172 -4.31 -22.09 -14.56
C LEU C 1172 -4.61 -22.44 -13.11
N ALA C 1173 -3.68 -22.14 -12.22
CA ALA C 1173 -3.86 -22.44 -10.80
C ALA C 1173 -5.07 -21.75 -10.19
N ARG C 1174 -5.60 -20.72 -10.86
CA ARG C 1174 -6.78 -20.04 -10.31
C ARG C 1174 -8.03 -20.91 -10.36
N VAL C 1175 -8.03 -21.98 -11.17
CA VAL C 1175 -9.20 -22.84 -11.25
C VAL C 1175 -9.49 -23.41 -9.88
N VAL C 1176 -8.52 -23.30 -8.98
CA VAL C 1176 -8.69 -23.82 -7.64
C VAL C 1176 -8.27 -22.80 -6.58
N ASN C 1177 -8.30 -21.53 -6.98
CA ASN C 1177 -7.96 -20.43 -6.09
C ASN C 1177 -6.55 -20.45 -5.49
N LEU C 1178 -5.56 -20.85 -6.27
CA LEU C 1178 -4.19 -20.84 -5.79
C LEU C 1178 -3.56 -19.56 -6.34
N ALA C 1179 -2.97 -18.77 -5.46
CA ALA C 1179 -2.34 -17.53 -5.90
C ALA C 1179 -0.89 -17.46 -5.47
N VAL C 1180 -0.09 -16.76 -6.27
CA VAL C 1180 1.32 -16.59 -5.91
C VAL C 1180 1.34 -15.79 -4.61
N PRO C 1181 2.03 -16.31 -3.59
CA PRO C 1181 2.09 -15.60 -2.31
C PRO C 1181 2.74 -14.21 -2.46
N ASP C 1182 2.26 -13.24 -1.68
CA ASP C 1182 2.84 -11.91 -1.74
C ASP C 1182 4.29 -11.93 -1.31
N THR C 1183 4.59 -12.69 -0.28
CA THR C 1183 5.96 -12.77 0.20
C THR C 1183 6.92 -13.28 -0.86
N TRP C 1184 6.39 -14.01 -1.83
CA TRP C 1184 7.20 -14.57 -2.91
C TRP C 1184 7.53 -13.60 -4.03
N MET C 1185 6.71 -12.55 -4.15
CA MET C 1185 6.87 -11.55 -5.21
C MET C 1185 8.27 -11.03 -5.54
N SER C 1186 9.14 -10.96 -4.55
CA SER C 1186 10.47 -10.44 -4.82
C SER C 1186 11.42 -11.50 -5.34
N LEU C 1187 10.91 -12.72 -5.49
CA LEU C 1187 11.72 -13.83 -5.98
C LEU C 1187 11.29 -14.38 -7.34
N ASP C 1188 12.15 -15.20 -7.94
CA ASP C 1188 11.86 -15.76 -9.25
C ASP C 1188 11.06 -17.05 -9.10
N PHE C 1189 9.76 -16.89 -8.78
CA PHE C 1189 8.87 -18.03 -8.60
C PHE C 1189 8.51 -18.71 -9.92
N ASP C 1190 8.57 -17.95 -11.01
CA ASP C 1190 8.27 -18.46 -12.33
C ASP C 1190 9.26 -19.61 -12.64
N SER C 1191 10.54 -19.38 -12.35
CA SER C 1191 11.57 -20.40 -12.59
C SER C 1191 11.43 -21.59 -11.67
N MET C 1192 10.98 -21.34 -10.45
CA MET C 1192 10.81 -22.44 -9.54
C MET C 1192 9.74 -23.38 -10.07
N PHE C 1193 8.61 -22.82 -10.50
CA PHE C 1193 7.53 -23.64 -11.04
C PHE C 1193 7.97 -24.44 -12.26
N LYS C 1194 8.69 -23.79 -13.18
CA LYS C 1194 9.13 -24.44 -14.42
C LYS C 1194 10.31 -25.40 -14.37
N HIS C 1195 11.33 -25.12 -13.58
CA HIS C 1195 12.50 -25.99 -13.60
C HIS C 1195 12.90 -26.66 -12.29
N HIS C 1196 12.18 -26.41 -11.20
CA HIS C 1196 12.61 -26.99 -9.95
C HIS C 1196 11.57 -27.72 -9.14
N VAL C 1197 10.48 -28.07 -9.82
CA VAL C 1197 9.39 -28.82 -9.22
C VAL C 1197 9.11 -29.91 -10.25
N LYS C 1198 9.87 -30.99 -10.14
CA LYS C 1198 9.74 -32.11 -11.05
C LYS C 1198 8.49 -32.92 -10.74
N LEU C 1199 7.67 -33.13 -11.77
CA LEU C 1199 6.44 -33.89 -11.64
C LEU C 1199 6.70 -35.37 -12.00
N LEU C 1200 7.90 -35.64 -12.50
CA LEU C 1200 8.32 -37.00 -12.87
C LEU C 1200 9.15 -37.49 -11.68
N PRO C 1201 8.68 -38.52 -10.96
CA PRO C 1201 9.39 -39.06 -9.80
C PRO C 1201 10.89 -39.16 -10.04
N LYS C 1202 11.69 -38.99 -9.00
CA LYS C 1202 13.14 -39.03 -9.17
C LYS C 1202 13.63 -40.38 -9.71
N ASP C 1203 12.97 -41.46 -9.33
CA ASP C 1203 13.36 -42.79 -9.79
C ASP C 1203 12.43 -43.30 -10.91
N GLY C 1204 12.00 -42.39 -11.79
CA GLY C 1204 11.14 -42.79 -12.88
C GLY C 1204 9.65 -42.69 -12.61
N ARG C 1205 8.86 -43.09 -13.59
CA ARG C 1205 7.40 -43.04 -13.50
C ARG C 1205 6.72 -43.96 -12.49
N HIS C 1206 5.66 -43.45 -11.88
CA HIS C 1206 4.87 -44.17 -10.89
C HIS C 1206 3.43 -44.21 -11.43
N LEU C 1207 2.72 -45.29 -11.17
CA LEU C 1207 1.34 -45.40 -11.65
C LEU C 1207 0.47 -44.27 -11.14
N ASN C 1208 0.66 -43.90 -9.87
CA ASN C 1208 -0.12 -42.83 -9.26
C ASN C 1208 0.26 -41.44 -9.76
N THR C 1209 1.54 -41.21 -10.04
CA THR C 1209 2.01 -39.91 -10.48
C THR C 1209 1.71 -39.56 -11.94
N ASP C 1210 1.44 -40.55 -12.78
CA ASP C 1210 1.15 -40.25 -14.18
C ASP C 1210 -0.03 -39.31 -14.27
N ILE C 1211 0.08 -38.33 -15.16
CA ILE C 1211 -0.98 -37.36 -15.36
C ILE C 1211 -1.86 -37.75 -16.54
N PRO C 1212 -3.15 -37.99 -16.29
CA PRO C 1212 -4.11 -38.39 -17.32
C PRO C 1212 -4.09 -37.46 -18.52
N PRO C 1213 -4.42 -38.00 -19.70
CA PRO C 1213 -4.43 -37.24 -20.96
C PRO C 1213 -5.18 -35.91 -20.90
N ARG C 1214 -6.44 -35.97 -20.50
CA ARG C 1214 -7.26 -34.76 -20.46
C ARG C 1214 -7.13 -33.92 -19.18
N MET C 1215 -6.27 -34.35 -18.26
CA MET C 1215 -6.08 -33.62 -17.00
C MET C 1215 -4.71 -32.95 -16.88
N GLY C 1216 -4.26 -32.34 -17.97
CA GLY C 1216 -2.97 -31.67 -17.96
C GLY C 1216 -2.96 -30.49 -17.02
N TRP C 1217 -4.13 -29.92 -16.78
CA TRP C 1217 -4.24 -28.78 -15.90
C TRP C 1217 -3.73 -29.14 -14.50
N LEU C 1218 -3.64 -30.43 -14.19
CA LEU C 1218 -3.16 -30.88 -12.89
C LEU C 1218 -1.74 -30.42 -12.63
N ARG C 1219 -0.92 -30.37 -13.67
CA ARG C 1219 0.49 -30.00 -13.53
C ARG C 1219 0.70 -28.62 -12.92
N ALA C 1220 -0.24 -27.71 -13.17
CA ALA C 1220 -0.14 -26.35 -12.64
C ALA C 1220 -0.41 -26.36 -11.14
N ILE C 1221 -1.44 -27.10 -10.74
CA ILE C 1221 -1.79 -27.19 -9.34
C ILE C 1221 -0.67 -27.89 -8.61
N LEU C 1222 -0.17 -28.97 -9.19
CA LEU C 1222 0.91 -29.72 -8.60
C LEU C 1222 2.17 -28.86 -8.45
N ARG C 1223 2.36 -27.89 -9.33
CA ARG C 1223 3.57 -27.07 -9.23
C ARG C 1223 3.52 -26.19 -8.01
N PHE C 1224 2.34 -25.69 -7.70
CA PHE C 1224 2.20 -24.83 -6.54
C PHE C 1224 2.48 -25.60 -5.25
N LEU C 1225 2.00 -26.84 -5.16
CA LEU C 1225 2.19 -27.65 -3.95
C LEU C 1225 3.66 -27.96 -3.68
N GLY C 1226 4.40 -28.28 -4.74
CA GLY C 1226 5.81 -28.57 -4.57
C GLY C 1226 6.51 -27.29 -4.13
N ALA C 1227 6.23 -26.21 -4.85
CA ALA C 1227 6.85 -24.94 -4.52
C ALA C 1227 6.60 -24.60 -3.05
N GLY C 1228 5.37 -24.83 -2.61
CA GLY C 1228 5.01 -24.54 -1.24
C GLY C 1228 5.97 -25.15 -0.25
N MET C 1229 6.22 -26.45 -0.38
CA MET C 1229 7.11 -27.12 0.54
C MET C 1229 8.54 -26.60 0.47
N VAL C 1230 9.00 -26.31 -0.74
CA VAL C 1230 10.35 -25.81 -0.92
C VAL C 1230 10.51 -24.46 -0.26
N MET C 1231 9.59 -23.54 -0.53
CA MET C 1231 9.66 -22.21 0.04
C MET C 1231 9.43 -22.17 1.54
N THR C 1232 8.66 -23.13 2.06
CA THR C 1232 8.35 -23.18 3.48
C THR C 1232 9.51 -23.75 4.31
N ALA C 1233 10.39 -24.50 3.66
CA ALA C 1233 11.53 -25.10 4.37
C ALA C 1233 12.69 -24.11 4.52
N THR C 1234 13.14 -23.93 5.75
CA THR C 1234 14.24 -23.02 6.02
C THR C 1234 15.48 -23.41 5.21
N GLY C 1235 16.25 -22.41 4.80
CA GLY C 1235 17.47 -22.68 4.07
C GLY C 1235 17.44 -22.42 2.57
N VAL C 1236 18.27 -23.16 1.85
CA VAL C 1236 18.34 -23.03 0.41
C VAL C 1236 17.17 -23.69 -0.29
N ALA C 1237 16.79 -23.15 -1.44
CA ALA C 1237 15.70 -23.71 -2.21
C ALA C 1237 16.26 -25.04 -2.65
N VAL C 1238 15.43 -26.06 -2.58
CA VAL C 1238 15.82 -27.41 -2.93
C VAL C 1238 14.98 -27.85 -4.13
N ASP C 1239 15.47 -28.82 -4.89
CA ASP C 1239 14.69 -29.32 -6.01
C ASP C 1239 13.76 -30.34 -5.37
N ILE C 1240 12.49 -30.32 -5.74
CA ILE C 1240 11.54 -31.25 -5.16
C ILE C 1240 10.94 -32.16 -6.25
N TYR C 1241 10.74 -33.44 -5.92
CA TYR C 1241 10.21 -34.42 -6.88
C TYR C 1241 8.89 -35.07 -6.45
N LEU C 1242 7.90 -35.04 -7.35
CA LEU C 1242 6.62 -35.65 -7.04
C LEU C 1242 6.89 -37.13 -6.73
N GLU C 1243 6.51 -37.55 -5.53
CA GLU C 1243 6.73 -38.92 -5.09
C GLU C 1243 5.46 -39.77 -5.14
N ASP C 1244 4.31 -39.17 -4.83
CA ASP C 1244 3.08 -39.95 -4.81
C ASP C 1244 1.78 -39.15 -4.76
N ILE C 1245 0.73 -39.77 -5.26
CA ILE C 1245 -0.62 -39.21 -5.24
C ILE C 1245 -1.46 -40.41 -4.80
N HIS C 1246 -1.89 -40.40 -3.55
CA HIS C 1246 -2.63 -41.51 -3.02
C HIS C 1246 -3.50 -42.34 -3.94
N GLY C 1247 -4.56 -41.75 -4.46
CA GLY C 1247 -5.45 -42.51 -5.33
C GLY C 1247 -5.17 -42.35 -6.81
N GLY C 1248 -4.00 -41.80 -7.13
CA GLY C 1248 -3.64 -41.61 -8.52
C GLY C 1248 -4.07 -40.25 -9.05
N GLY C 1249 -3.42 -39.83 -10.13
CA GLY C 1249 -3.72 -38.55 -10.74
C GLY C 1249 -5.17 -38.40 -11.15
N ARG C 1250 -5.71 -39.43 -11.78
CA ARG C 1250 -7.08 -39.39 -12.25
C ARG C 1250 -8.08 -39.10 -11.14
N SER C 1251 -7.99 -39.83 -10.03
CA SER C 1251 -8.94 -39.60 -8.96
C SER C 1251 -8.69 -38.24 -8.30
N LEU C 1252 -7.44 -37.78 -8.34
CA LEU C 1252 -7.15 -36.47 -7.77
C LEU C 1252 -7.91 -35.41 -8.59
N GLY C 1253 -7.85 -35.54 -9.92
CA GLY C 1253 -8.52 -34.59 -10.78
C GLY C 1253 -10.03 -34.53 -10.58
N GLN C 1254 -10.67 -35.69 -10.48
CA GLN C 1254 -12.11 -35.71 -10.29
C GLN C 1254 -12.43 -34.97 -9.00
N ARG C 1255 -11.58 -35.20 -8.02
CA ARG C 1255 -11.73 -34.60 -6.72
C ARG C 1255 -11.67 -33.07 -6.83
N PHE C 1256 -10.75 -32.55 -7.63
CA PHE C 1256 -10.67 -31.11 -7.82
C PHE C 1256 -11.87 -30.64 -8.68
N MET C 1257 -12.27 -31.46 -9.64
CA MET C 1257 -13.41 -31.12 -10.50
C MET C 1257 -14.70 -31.05 -9.71
N THR C 1258 -14.80 -31.82 -8.64
CA THR C 1258 -16.00 -31.79 -7.82
C THR C 1258 -15.98 -30.44 -7.08
N TRP C 1259 -14.82 -30.07 -6.55
CA TRP C 1259 -14.72 -28.80 -5.86
C TRP C 1259 -15.11 -27.69 -6.84
N MET C 1260 -14.56 -27.76 -8.04
CA MET C 1260 -14.81 -26.75 -9.03
C MET C 1260 -16.29 -26.53 -9.34
N ARG C 1261 -16.99 -27.62 -9.65
CA ARG C 1261 -18.39 -27.52 -10.01
C ARG C 1261 -19.31 -27.26 -8.84
N GLN C 1262 -18.77 -27.26 -7.62
CA GLN C 1262 -19.60 -27.01 -6.46
C GLN C 1262 -19.49 -25.62 -5.89
N GLU C 1263 -18.52 -24.84 -6.37
CA GLU C 1263 -18.34 -23.48 -5.87
C GLU C 1263 -19.59 -22.62 -6.03
N GLY C 1264 -20.12 -22.15 -4.91
CA GLY C 1264 -21.30 -21.31 -4.96
C GLY C 1264 -22.58 -22.10 -5.23
N ARG C 1265 -22.96 -22.95 -4.27
CA ARG C 1265 -24.17 -23.76 -4.37
C ARG C 1265 -25.05 -23.49 -3.15
#